data_7M7D
#
_entry.id   7M7D
#
_cell.length_a   85.860
_cell.length_b   91.790
_cell.length_c   128.780
_cell.angle_alpha   90.000
_cell.angle_beta   90.000
_cell.angle_gamma   90.000
#
_symmetry.space_group_name_H-M   'P 21 21 21'
#
loop_
_entity.id
_entity.type
_entity.pdbx_description
1 polymer 'Indoleamine 2,3-dioxygenase 1'
2 non-polymer (5S)-6,6-dimethyl-8-[(4S)-7-(trifluoromethyl)imidazo[1,5-a]pyridin-5-yl]-1,3,8-triazaspiro[4.5]decane-2,4-dione
3 non-polymer 'PROTOPORPHYRIN IX CONTAINING FE'
4 water water
#
_entity_poly.entity_id   1
_entity_poly.type   'polypeptide(L)'
_entity_poly.pdbx_seq_one_letter_code
;MHHHHHHSSGLVPRGSHMISKEYHIDEEVGFALPNPQENLPDFYNDWMFIAKHLPDLIESGQLRERVEKLNMLSIDHLTD
HKSQRLARLVLGCITMAYVWGKGHGDVRKVLPRNIAVPYCQLSKKLELPPILVYADCVLANWKKKDPNKPLTYENMDVLF
SFRDGDCSKGFFLVSLLVEIAAASAIKVIPTVFKAMQMQERDTLLKALLEIASCLEKALQVFHQIHDHVNPKAFFSVLRI
YLSGWKGNPQLSDGLVYEGFWEDPKEFAGGSAGQSSVFQCFDVLLGIQQTAGGGHAAQFLQDMRRYMPPAHRNFLCSLES
NPSVREFVLSKGDAGLREAYDACVKALVSLRSYHLQIVTKYILIPASQQPKENKTSEDPSKLEAKGTGGTDLMNFLKTVR
STTEKSLLKEG
;
_entity_poly.pdbx_strand_id   A,B
#
loop_
_chem_comp.id
_chem_comp.type
_chem_comp.name
_chem_comp.formula
HEM non-polymer 'PROTOPORPHYRIN IX CONTAINING FE' 'C34 H32 Fe N4 O4'
YRM non-polymer (5S)-6,6-dimethyl-8-[(4S)-7-(trifluoromethyl)imidazo[1,5-a]pyridin-5-yl]-1,3,8-triazaspiro[4.5]decane-2,4-dione 'C17 H18 F3 N5 O2'
#
# COMPACT_ATOMS: atom_id res chain seq x y z
N ILE A 19 -10.51 -20.98 5.35
CA ILE A 19 -9.55 -19.89 5.33
C ILE A 19 -8.28 -20.29 6.08
N SER A 20 -7.13 -19.97 5.49
CA SER A 20 -5.84 -20.30 6.09
C SER A 20 -5.68 -19.59 7.44
N LYS A 21 -4.83 -20.15 8.29
CA LYS A 21 -4.69 -19.66 9.65
C LYS A 21 -3.82 -18.42 9.76
N GLU A 22 -2.79 -18.30 8.92
CA GLU A 22 -1.86 -17.18 9.06
C GLU A 22 -2.49 -15.83 8.72
N TYR A 23 -3.75 -15.80 8.31
CA TYR A 23 -4.46 -14.54 8.12
C TYR A 23 -5.11 -14.03 9.40
N HIS A 24 -5.07 -14.83 10.47
CA HIS A 24 -5.61 -14.43 11.79
C HIS A 24 -7.07 -14.04 11.69
N ILE A 25 -7.85 -14.88 11.02
CA ILE A 25 -9.30 -14.70 10.89
C ILE A 25 -9.98 -15.76 11.74
N ASP A 26 -10.73 -15.31 12.75
CA ASP A 26 -11.41 -16.22 13.66
C ASP A 26 -12.76 -16.64 13.09
N GLU A 27 -13.17 -17.86 13.41
CA GLU A 27 -14.42 -18.39 12.89
C GLU A 27 -15.63 -17.71 13.53
N GLU A 28 -15.47 -17.17 14.74
CA GLU A 28 -16.58 -16.56 15.48
C GLU A 28 -16.58 -15.05 15.39
N VAL A 29 -15.45 -14.41 15.69
CA VAL A 29 -15.37 -12.95 15.75
C VAL A 29 -14.69 -12.36 14.52
N GLY A 30 -14.33 -13.19 13.55
CA GLY A 30 -13.82 -12.66 12.29
C GLY A 30 -12.45 -12.04 12.50
N PHE A 31 -12.32 -10.76 12.15
CA PHE A 31 -11.06 -10.05 12.28
C PHE A 31 -10.76 -9.59 13.70
N ALA A 32 -11.75 -9.63 14.59
CA ALA A 32 -11.50 -9.26 15.97
C ALA A 32 -10.57 -10.27 16.64
N LEU A 33 -9.88 -9.81 17.67
CA LEU A 33 -9.01 -10.69 18.44
C LEU A 33 -9.86 -11.62 19.28
N PRO A 34 -9.73 -12.94 19.14
CA PRO A 34 -10.61 -13.85 19.89
C PRO A 34 -10.21 -13.91 21.36
N ASN A 35 -11.14 -13.52 22.23
CA ASN A 35 -10.98 -13.53 23.68
C ASN A 35 -9.71 -12.80 24.09
N PRO A 36 -9.69 -11.46 24.04
CA PRO A 36 -8.48 -10.73 24.42
C PRO A 36 -8.21 -10.87 25.90
N GLN A 37 -6.94 -11.07 26.24
CA GLN A 37 -6.58 -11.19 27.65
C GLN A 37 -6.66 -9.82 28.32
N GLU A 38 -7.03 -9.83 29.60
CA GLU A 38 -7.37 -8.60 30.31
C GLU A 38 -6.24 -8.08 31.19
N ASN A 39 -5.33 -8.94 31.63
CA ASN A 39 -4.29 -8.57 32.57
C ASN A 39 -2.91 -8.78 31.97
N LEU A 40 -2.01 -7.85 32.24
CA LEU A 40 -0.60 -7.97 31.92
C LEU A 40 0.13 -8.65 33.07
N PRO A 41 1.36 -9.11 32.84
CA PRO A 41 2.16 -9.64 33.95
C PRO A 41 2.44 -8.56 35.00
N ASP A 42 2.80 -9.03 36.20
CA ASP A 42 3.06 -8.12 37.30
C ASP A 42 4.23 -7.18 37.03
N PHE A 43 5.13 -7.55 36.12
CA PHE A 43 6.23 -6.66 35.75
C PHE A 43 5.70 -5.33 35.23
N TYR A 44 4.61 -5.35 34.48
CA TYR A 44 4.00 -4.15 33.92
C TYR A 44 2.80 -3.68 34.73
N ASN A 45 2.83 -3.84 36.06
CA ASN A 45 1.72 -3.41 36.88
C ASN A 45 1.64 -1.88 36.97
N ASP A 46 2.77 -1.19 36.80
CA ASP A 46 2.74 0.27 36.82
C ASP A 46 2.07 0.82 35.57
N TRP A 47 2.36 0.23 34.40
CA TRP A 47 1.63 0.60 33.19
C TRP A 47 0.14 0.38 33.36
N MET A 48 -0.25 -0.69 34.05
CA MET A 48 -1.65 -1.07 34.14
C MET A 48 -2.44 -0.08 35.00
N PHE A 49 -1.81 0.46 36.04
CA PHE A 49 -2.54 1.36 36.94
C PHE A 49 -2.97 2.64 36.25
N ILE A 50 -2.09 3.22 35.43
CA ILE A 50 -2.44 4.46 34.74
C ILE A 50 -3.56 4.23 33.75
N ALA A 51 -3.53 3.12 33.01
CA ALA A 51 -4.53 2.87 31.98
C ALA A 51 -5.88 2.53 32.59
N LYS A 52 -5.89 1.79 33.70
CA LYS A 52 -7.15 1.38 34.33
C LYS A 52 -7.83 2.52 35.08
N HIS A 53 -7.11 3.59 35.39
CA HIS A 53 -7.66 4.72 36.13
C HIS A 53 -7.46 6.02 35.33
N LEU A 54 -7.63 5.95 34.02
CA LEU A 54 -7.50 7.14 33.18
C LEU A 54 -8.52 8.22 33.50
N PRO A 55 -9.82 7.92 33.64
CA PRO A 55 -10.76 9.02 33.96
C PRO A 55 -10.43 9.75 35.24
N ASP A 56 -9.93 9.03 36.25
CA ASP A 56 -9.69 9.64 37.55
C ASP A 56 -8.38 10.43 37.57
N LEU A 57 -7.35 9.93 36.90
CA LEU A 57 -6.08 10.65 36.86
C LEU A 57 -6.18 11.92 36.02
N ILE A 58 -6.94 11.88 34.93
CA ILE A 58 -7.13 13.07 34.11
C ILE A 58 -7.97 14.10 34.86
N GLU A 59 -9.10 13.67 35.43
CA GLU A 59 -9.96 14.58 36.17
C GLU A 59 -9.20 15.22 37.34
N SER A 60 -8.33 14.44 38.00
CA SER A 60 -7.54 14.98 39.10
C SER A 60 -6.44 15.91 38.61
N GLY A 61 -6.06 15.82 37.34
CA GLY A 61 -4.94 16.59 36.85
C GLY A 61 -3.58 16.03 37.22
N GLN A 62 -3.51 14.74 37.54
CA GLN A 62 -2.26 14.10 37.93
C GLN A 62 -1.81 13.05 36.92
N LEU A 63 -2.45 12.99 35.75
CA LEU A 63 -2.09 11.97 34.76
C LEU A 63 -0.72 12.24 34.15
N ARG A 64 -0.50 13.46 33.66
CA ARG A 64 0.70 13.74 32.89
C ARG A 64 1.98 13.59 33.72
N GLU A 65 1.91 13.88 35.02
CA GLU A 65 3.08 13.71 35.88
C GLU A 65 3.20 12.31 36.45
N ARG A 66 2.10 11.56 36.54
CA ARG A 66 2.20 10.14 36.89
C ARG A 66 2.93 9.37 35.78
N VAL A 67 2.66 9.71 34.53
CA VAL A 67 3.34 9.07 33.41
C VAL A 67 4.81 9.49 33.38
N GLU A 68 5.10 10.75 33.71
CA GLU A 68 6.48 11.22 33.67
C GLU A 68 7.34 10.56 34.74
N LYS A 69 6.73 10.10 35.83
CA LYS A 69 7.44 9.41 36.90
C LYS A 69 7.55 7.91 36.67
N LEU A 70 7.10 7.42 35.53
CA LEU A 70 7.21 5.99 35.22
C LEU A 70 8.67 5.60 35.02
N ASN A 71 8.92 4.29 35.08
CA ASN A 71 10.22 3.72 34.79
C ASN A 71 10.24 3.13 33.39
N MET A 72 11.46 2.96 32.86
CA MET A 72 11.65 2.34 31.55
C MET A 72 11.47 0.83 31.69
N LEU A 73 10.41 0.30 31.10
CA LEU A 73 10.13 -1.13 31.14
C LEU A 73 10.45 -1.76 29.79
N SER A 74 11.29 -2.80 29.80
CA SER A 74 11.60 -3.54 28.59
C SER A 74 10.42 -4.42 28.20
N ILE A 75 10.20 -4.54 26.89
CA ILE A 75 9.02 -5.25 26.39
C ILE A 75 9.33 -6.72 26.20
N ASP A 76 10.53 -7.15 26.60
CA ASP A 76 10.93 -8.53 26.37
C ASP A 76 10.14 -9.51 27.20
N HIS A 77 9.52 -9.06 28.30
CA HIS A 77 8.72 -9.93 29.15
C HIS A 77 7.29 -10.06 28.70
N LEU A 78 6.91 -9.39 27.61
CA LEU A 78 5.59 -9.53 27.01
C LEU A 78 5.68 -10.60 25.93
N THR A 79 5.51 -11.85 26.34
CA THR A 79 5.60 -12.96 25.41
C THR A 79 4.26 -13.16 24.69
N ASP A 80 4.35 -13.67 23.46
CA ASP A 80 3.22 -14.06 22.63
C ASP A 80 2.32 -12.89 22.23
N HIS A 81 1.31 -13.19 21.40
CA HIS A 81 0.59 -12.14 20.67
C HIS A 81 -0.37 -11.38 21.58
N LYS A 82 -1.18 -12.10 22.36
CA LYS A 82 -2.24 -11.45 23.13
C LYS A 82 -1.70 -10.50 24.18
N SER A 83 -0.53 -10.81 24.76
CA SER A 83 0.04 -9.90 25.75
C SER A 83 0.65 -8.66 25.10
N GLN A 84 1.07 -8.76 23.84
CA GLN A 84 1.57 -7.59 23.13
C GLN A 84 0.43 -6.70 22.66
N ARG A 85 -0.68 -7.31 22.23
CA ARG A 85 -1.84 -6.53 21.83
C ARG A 85 -2.48 -5.80 23.00
N LEU A 86 -2.46 -6.41 24.19
CA LEU A 86 -2.98 -5.73 25.37
C LEU A 86 -2.08 -4.58 25.79
N ALA A 87 -0.77 -4.80 25.78
CA ALA A 87 0.16 -3.73 26.14
C ALA A 87 0.08 -2.58 25.14
N ARG A 88 -0.07 -2.90 23.85
CA ARG A 88 -0.24 -1.85 22.85
C ARG A 88 -1.53 -1.09 23.08
N LEU A 89 -2.58 -1.77 23.54
CA LEU A 89 -3.81 -1.08 23.92
C LEU A 89 -3.59 -0.22 25.16
N VAL A 90 -2.81 -0.72 26.11
CA VAL A 90 -2.52 0.04 27.33
C VAL A 90 -1.69 1.27 27.01
N LEU A 91 -0.60 1.09 26.26
CA LEU A 91 0.28 2.22 25.93
C LEU A 91 -0.44 3.20 25.03
N GLY A 92 -1.27 2.71 24.10
CA GLY A 92 -2.00 3.61 23.22
C GLY A 92 -2.97 4.50 23.97
N CYS A 93 -3.69 3.95 24.93
CA CYS A 93 -4.61 4.76 25.72
C CYS A 93 -3.86 5.78 26.57
N ILE A 94 -2.76 5.37 27.19
CA ILE A 94 -1.95 6.29 27.97
C ILE A 94 -1.44 7.43 27.10
N THR A 95 -1.01 7.11 25.88
CA THR A 95 -0.49 8.13 24.98
C THR A 95 -1.54 9.16 24.62
N MET A 96 -2.75 8.71 24.30
CA MET A 96 -3.84 9.63 23.99
C MET A 96 -4.14 10.54 25.17
N ALA A 97 -4.12 9.99 26.39
CA ALA A 97 -4.41 10.80 27.57
C ALA A 97 -3.30 11.81 27.85
N TYR A 98 -2.05 11.45 27.56
CA TYR A 98 -0.95 12.38 27.81
C TYR A 98 -0.95 13.53 26.81
N VAL A 99 -1.16 13.21 25.53
CA VAL A 99 -1.07 14.23 24.49
C VAL A 99 -2.21 15.24 24.63
N TRP A 100 -3.43 14.74 24.81
CA TRP A 100 -4.60 15.62 24.81
C TRP A 100 -4.99 16.11 26.20
N GLY A 101 -4.57 15.43 27.26
CA GLY A 101 -4.84 15.92 28.60
C GLY A 101 -6.33 15.90 28.92
N LYS A 102 -6.84 17.01 29.43
CA LYS A 102 -8.26 17.15 29.74
C LYS A 102 -9.11 17.41 28.51
N GLY A 103 -8.50 17.59 27.34
CA GLY A 103 -9.25 17.82 26.12
C GLY A 103 -9.78 19.24 25.99
N HIS A 104 -8.98 20.24 26.33
CA HIS A 104 -9.40 21.63 26.28
C HIS A 104 -8.44 22.51 25.48
N GLY A 105 -7.41 21.93 24.86
CA GLY A 105 -6.50 22.67 24.01
C GLY A 105 -5.08 22.73 24.50
N ASP A 106 -4.82 22.39 25.76
CA ASP A 106 -3.47 22.37 26.31
C ASP A 106 -2.86 21.01 26.01
N VAL A 107 -2.07 20.93 24.93
CA VAL A 107 -1.57 19.68 24.42
C VAL A 107 -0.09 19.54 24.77
N ARG A 108 0.43 18.32 24.61
CA ARG A 108 1.85 18.02 24.78
C ARG A 108 2.38 17.45 23.47
N LYS A 109 3.50 18.00 23.00
CA LYS A 109 4.07 17.62 21.71
C LYS A 109 5.26 16.68 21.86
N VAL A 110 5.55 16.23 23.07
CA VAL A 110 6.67 15.31 23.32
C VAL A 110 6.15 14.15 24.16
N LEU A 111 6.31 12.93 23.65
CA LEU A 111 5.97 11.73 24.41
C LEU A 111 7.19 11.27 25.18
N PRO A 112 7.17 11.25 26.51
CA PRO A 112 8.38 10.94 27.28
C PRO A 112 8.92 9.56 26.96
N ARG A 113 10.23 9.40 27.16
CA ARG A 113 10.93 8.18 26.77
C ARG A 113 10.39 6.96 27.52
N ASN A 114 10.06 7.12 28.80
CA ASN A 114 9.60 5.99 29.60
C ASN A 114 8.36 5.32 29.00
N ILE A 115 7.64 6.02 28.14
CA ILE A 115 6.53 5.45 27.40
C ILE A 115 6.83 5.38 25.90
N ALA A 116 7.47 6.42 25.35
CA ALA A 116 7.65 6.51 23.91
C ALA A 116 8.57 5.41 23.38
N VAL A 117 9.62 5.07 24.11
CA VAL A 117 10.58 4.07 23.64
C VAL A 117 9.93 2.70 23.55
N PRO A 118 9.36 2.14 24.63
CA PRO A 118 8.75 0.81 24.49
C PRO A 118 7.51 0.79 23.61
N TYR A 119 6.85 1.93 23.40
CA TYR A 119 5.68 1.97 22.53
C TYR A 119 6.08 1.71 21.08
N CYS A 120 6.97 2.55 20.54
CA CYS A 120 7.46 2.33 19.18
C CYS A 120 8.18 1.01 19.07
N GLN A 121 8.93 0.63 20.12
CA GLN A 121 9.64 -0.63 20.12
C GLN A 121 8.67 -1.81 20.00
N LEU A 122 7.55 -1.76 20.73
CA LEU A 122 6.53 -2.79 20.60
C LEU A 122 5.73 -2.63 19.32
N SER A 123 5.50 -1.40 18.87
CA SER A 123 4.79 -1.18 17.63
C SER A 123 5.58 -1.72 16.44
N LYS A 124 6.91 -1.70 16.52
CA LYS A 124 7.73 -2.28 15.47
C LYS A 124 7.58 -3.80 15.42
N LYS A 125 7.38 -4.44 16.57
CA LYS A 125 7.25 -5.89 16.63
C LYS A 125 5.90 -6.36 16.08
N LEU A 126 4.89 -5.50 16.07
CA LEU A 126 3.57 -5.85 15.57
C LEU A 126 3.28 -5.24 14.20
N GLU A 127 4.25 -4.55 13.60
CA GLU A 127 4.09 -3.91 12.29
C GLU A 127 2.93 -2.92 12.28
N LEU A 128 2.72 -2.24 13.40
CA LEU A 128 1.68 -1.22 13.53
C LEU A 128 2.32 0.11 13.92
N PRO A 129 1.71 1.24 13.54
CA PRO A 129 2.28 2.53 13.93
C PRO A 129 2.08 2.79 15.41
N PRO A 130 2.93 3.62 16.02
CA PRO A 130 2.80 3.90 17.48
C PRO A 130 1.69 4.90 17.78
N ILE A 131 0.45 4.46 17.56
CA ILE A 131 -0.73 5.26 17.89
C ILE A 131 -1.89 4.30 18.06
N LEU A 132 -2.89 4.71 18.85
CA LEU A 132 -4.07 3.88 19.08
C LEU A 132 -4.85 3.72 17.78
N VAL A 133 -4.94 2.49 17.29
CA VAL A 133 -5.61 2.23 16.02
C VAL A 133 -6.92 1.50 16.25
N TYR A 134 -7.63 1.20 15.16
CA TYR A 134 -8.90 0.50 15.26
C TYR A 134 -8.73 -0.89 15.84
N ALA A 135 -7.67 -1.59 15.45
CA ALA A 135 -7.42 -2.94 15.95
C ALA A 135 -7.10 -2.98 17.44
N ASP A 136 -6.83 -1.83 18.05
CA ASP A 136 -6.54 -1.76 19.49
C ASP A 136 -7.81 -1.52 20.29
N CYS A 137 -8.43 -0.35 20.10
CA CYS A 137 -9.53 0.09 20.95
C CYS A 137 -10.87 -0.55 20.60
N VAL A 138 -10.93 -1.38 19.55
CA VAL A 138 -12.16 -2.08 19.19
C VAL A 138 -11.94 -3.60 19.16
N LEU A 139 -10.98 -4.05 18.35
CA LEU A 139 -10.81 -5.49 18.15
C LEU A 139 -10.19 -6.20 19.35
N ALA A 140 -9.45 -5.49 20.21
CA ALA A 140 -8.81 -6.10 21.36
C ALA A 140 -9.22 -5.45 22.68
N ASN A 141 -10.25 -4.61 22.67
CA ASN A 141 -10.65 -3.85 23.86
C ASN A 141 -11.98 -4.36 24.39
N TRP A 142 -12.08 -5.66 24.67
CA TRP A 142 -13.33 -6.23 25.13
C TRP A 142 -13.05 -7.53 25.88
N LYS A 143 -14.07 -8.00 26.60
CA LYS A 143 -14.00 -9.25 27.33
C LYS A 143 -15.41 -9.77 27.54
N LYS A 144 -15.53 -11.09 27.63
CA LYS A 144 -16.80 -11.71 28.00
C LYS A 144 -16.96 -11.63 29.51
N LYS A 145 -18.00 -10.93 29.96
CA LYS A 145 -18.29 -10.90 31.39
C LYS A 145 -18.57 -12.30 31.91
N ASP A 146 -19.24 -13.12 31.12
CA ASP A 146 -19.42 -14.54 31.42
C ASP A 146 -18.87 -15.33 30.24
N PRO A 147 -17.75 -16.04 30.41
CA PRO A 147 -17.14 -16.77 29.27
C PRO A 147 -18.03 -17.89 28.73
N ASN A 148 -19.19 -18.13 29.34
CA ASN A 148 -20.08 -19.20 28.95
C ASN A 148 -21.24 -18.74 28.07
N LYS A 149 -21.62 -17.48 28.16
CA LYS A 149 -22.75 -16.93 27.43
C LYS A 149 -22.32 -16.39 26.06
N PRO A 150 -23.27 -16.19 25.14
CA PRO A 150 -22.92 -15.68 23.80
C PRO A 150 -22.36 -14.26 23.80
N LEU A 151 -22.11 -13.73 22.60
CA LEU A 151 -21.49 -12.42 22.43
C LEU A 151 -22.56 -11.35 22.20
N THR A 152 -23.30 -11.06 23.26
CA THR A 152 -24.29 -10.00 23.27
C THR A 152 -23.71 -8.77 23.97
N TYR A 153 -24.36 -7.63 23.74
CA TYR A 153 -23.93 -6.40 24.43
C TYR A 153 -24.06 -6.56 25.93
N GLU A 154 -25.08 -7.30 26.40
CA GLU A 154 -25.29 -7.49 27.82
C GLU A 154 -24.27 -8.42 28.45
N ASN A 155 -23.43 -9.08 27.65
CA ASN A 155 -22.44 -10.03 28.16
C ASN A 155 -21.01 -9.56 27.87
N MET A 156 -20.82 -8.28 27.59
CA MET A 156 -19.51 -7.77 27.24
C MET A 156 -19.25 -6.44 27.93
N ASP A 157 -18.01 -5.99 27.84
CA ASP A 157 -17.59 -4.72 28.42
C ASP A 157 -16.23 -4.37 27.81
N VAL A 158 -15.95 -3.07 27.72
CA VAL A 158 -14.65 -2.61 27.25
C VAL A 158 -13.63 -2.85 28.36
N LEU A 159 -12.35 -2.80 28.02
CA LEU A 159 -11.29 -2.90 29.02
C LEU A 159 -10.81 -1.54 29.51
N PHE A 160 -10.81 -0.53 28.65
CA PHE A 160 -10.30 0.80 29.03
C PHE A 160 -11.21 1.87 28.44
N SER A 161 -11.34 2.97 29.19
CA SER A 161 -12.10 4.13 28.76
C SER A 161 -11.32 5.39 29.13
N PHE A 162 -11.70 6.51 28.52
CA PHE A 162 -10.95 7.75 28.70
C PHE A 162 -11.49 8.60 29.84
N ARG A 163 -12.77 8.97 29.78
CA ARG A 163 -13.38 9.83 30.78
C ARG A 163 -14.68 9.19 31.27
N ASP A 164 -15.21 9.75 32.36
CA ASP A 164 -16.50 9.31 32.86
C ASP A 164 -17.60 9.90 31.98
N GLY A 165 -18.51 9.04 31.53
CA GLY A 165 -19.59 9.48 30.68
C GLY A 165 -19.18 9.84 29.27
N ASP A 166 -18.04 9.34 28.80
CA ASP A 166 -17.61 9.59 27.43
C ASP A 166 -18.26 8.65 26.43
N CYS A 167 -19.13 7.75 26.88
CA CYS A 167 -19.86 6.81 26.01
C CYS A 167 -18.91 5.94 25.19
N SER A 168 -17.70 5.71 25.70
CA SER A 168 -16.73 4.92 24.96
C SER A 168 -17.13 3.45 24.93
N LYS A 169 -17.71 2.95 26.02
CA LYS A 169 -18.16 1.56 26.04
C LYS A 169 -19.21 1.32 24.95
N GLY A 170 -20.15 2.24 24.80
CA GLY A 170 -21.15 2.09 23.76
C GLY A 170 -20.56 2.22 22.36
N PHE A 171 -19.68 3.20 22.16
CA PHE A 171 -19.12 3.42 20.83
C PHE A 171 -18.23 2.24 20.41
N PHE A 172 -17.42 1.73 21.32
CA PHE A 172 -16.51 0.64 20.98
C PHE A 172 -17.22 -0.70 20.85
N LEU A 173 -18.14 -1.00 21.78
CA LEU A 173 -18.81 -2.30 21.75
C LEU A 173 -19.76 -2.41 20.57
N VAL A 174 -20.45 -1.33 20.24
CA VAL A 174 -21.33 -1.35 19.06
C VAL A 174 -20.50 -1.51 17.79
N SER A 175 -19.36 -0.82 17.71
CA SER A 175 -18.48 -0.99 16.57
C SER A 175 -17.99 -2.43 16.46
N LEU A 176 -17.67 -3.05 17.59
CA LEU A 176 -17.24 -4.44 17.58
C LEU A 176 -18.36 -5.38 17.16
N LEU A 177 -19.59 -5.10 17.62
CA LEU A 177 -20.71 -5.97 17.28
C LEU A 177 -21.11 -5.85 15.82
N VAL A 178 -20.99 -4.65 15.24
CA VAL A 178 -21.22 -4.51 13.80
C VAL A 178 -20.14 -5.26 13.02
N GLU A 179 -18.90 -5.23 13.52
CA GLU A 179 -17.81 -5.94 12.85
C GLU A 179 -18.01 -7.45 12.92
N ILE A 180 -18.42 -7.96 14.09
CA ILE A 180 -18.63 -9.40 14.23
C ILE A 180 -19.79 -9.87 13.35
N ALA A 181 -20.86 -9.08 13.29
CA ALA A 181 -22.00 -9.45 12.46
C ALA A 181 -21.62 -9.52 10.99
N ALA A 182 -20.88 -8.51 10.51
CA ALA A 182 -20.42 -8.50 9.13
C ALA A 182 -19.34 -9.55 8.87
N ALA A 183 -18.71 -10.06 9.93
CA ALA A 183 -17.62 -11.01 9.76
C ALA A 183 -18.10 -12.43 9.48
N SER A 184 -19.37 -12.73 9.74
CA SER A 184 -19.89 -14.07 9.47
C SER A 184 -20.00 -14.36 7.98
N ALA A 185 -19.86 -13.34 7.13
CA ALA A 185 -19.84 -13.53 5.68
C ALA A 185 -18.44 -13.76 5.14
N ILE A 186 -17.42 -13.69 5.99
CA ILE A 186 -16.04 -13.86 5.53
C ILE A 186 -15.76 -15.33 5.21
N LYS A 187 -16.34 -16.25 5.97
CA LYS A 187 -16.16 -17.67 5.67
C LYS A 187 -16.80 -18.07 4.35
N VAL A 188 -17.70 -17.24 3.81
CA VAL A 188 -18.30 -17.52 2.52
C VAL A 188 -17.38 -17.17 1.36
N ILE A 189 -16.41 -16.29 1.59
CA ILE A 189 -15.51 -15.77 0.54
C ILE A 189 -14.77 -16.92 -0.16
N PRO A 190 -14.24 -17.92 0.53
CA PRO A 190 -13.63 -19.05 -0.20
C PRO A 190 -14.60 -19.76 -1.13
N THR A 191 -15.87 -19.87 -0.74
CA THR A 191 -16.85 -20.53 -1.61
C THR A 191 -17.08 -19.71 -2.88
N VAL A 192 -17.07 -18.38 -2.76
CA VAL A 192 -17.29 -17.52 -3.92
C VAL A 192 -16.21 -17.73 -4.97
N PHE A 193 -14.95 -17.82 -4.54
CA PHE A 193 -13.87 -17.98 -5.49
C PHE A 193 -13.75 -19.41 -6.00
N LYS A 194 -14.09 -20.41 -5.18
CA LYS A 194 -14.10 -21.78 -5.67
C LYS A 194 -15.21 -22.00 -6.68
N ALA A 195 -16.38 -21.40 -6.44
CA ALA A 195 -17.50 -21.56 -7.37
C ALA A 195 -17.21 -20.89 -8.71
N MET A 196 -16.43 -19.80 -8.72
CA MET A 196 -16.10 -19.14 -9.98
C MET A 196 -15.17 -19.99 -10.82
N GLN A 197 -14.09 -20.50 -10.23
CA GLN A 197 -13.14 -21.30 -11.00
C GLN A 197 -13.72 -22.64 -11.41
N MET A 198 -14.60 -23.21 -10.59
CA MET A 198 -15.29 -24.45 -10.94
C MET A 198 -16.49 -24.21 -11.85
N GLN A 199 -16.88 -22.95 -12.05
CA GLN A 199 -18.08 -22.58 -12.79
C GLN A 199 -19.30 -23.34 -12.26
N GLU A 200 -19.66 -22.99 -11.03
CA GLU A 200 -20.82 -23.53 -10.33
C GLU A 200 -21.78 -22.37 -10.09
N ARG A 201 -22.67 -22.14 -11.04
CA ARG A 201 -23.57 -21.00 -10.96
C ARG A 201 -24.49 -21.09 -9.73
N ASP A 202 -25.00 -22.29 -9.44
CA ASP A 202 -25.91 -22.44 -8.31
C ASP A 202 -25.20 -22.19 -6.99
N THR A 203 -23.95 -22.64 -6.87
CA THR A 203 -23.22 -22.43 -5.62
C THR A 203 -22.84 -20.97 -5.44
N LEU A 204 -22.34 -20.32 -6.49
CA LEU A 204 -22.02 -18.91 -6.42
C LEU A 204 -23.25 -18.07 -6.10
N LEU A 205 -24.40 -18.46 -6.67
CA LEU A 205 -25.65 -17.74 -6.40
C LEU A 205 -25.98 -17.76 -4.91
N LYS A 206 -25.95 -18.94 -4.30
CA LYS A 206 -26.29 -19.06 -2.88
C LYS A 206 -25.24 -18.37 -2.00
N ALA A 207 -23.99 -18.33 -2.44
CA ALA A 207 -22.94 -17.72 -1.63
C ALA A 207 -23.12 -16.21 -1.55
N LEU A 208 -23.45 -15.56 -2.66
CA LEU A 208 -23.65 -14.12 -2.66
C LEU A 208 -24.86 -13.72 -1.83
N LEU A 209 -25.95 -14.49 -1.92
CA LEU A 209 -27.12 -14.22 -1.09
C LEU A 209 -26.78 -14.33 0.40
N GLU A 210 -25.88 -15.25 0.76
CA GLU A 210 -25.48 -15.38 2.16
C GLU A 210 -24.64 -14.19 2.60
N ILE A 211 -23.85 -13.61 1.70
CA ILE A 211 -23.05 -12.44 2.05
C ILE A 211 -23.95 -11.24 2.30
N ALA A 212 -24.96 -11.05 1.45
CA ALA A 212 -25.89 -9.94 1.64
C ALA A 212 -26.71 -10.11 2.92
N SER A 213 -27.03 -11.35 3.29
CA SER A 213 -27.79 -11.58 4.51
C SER A 213 -26.99 -11.19 5.74
N CYS A 214 -25.68 -11.44 5.74
CA CYS A 214 -24.85 -11.07 6.88
C CYS A 214 -24.63 -9.56 6.93
N LEU A 215 -24.51 -8.91 5.76
CA LEU A 215 -24.35 -7.46 5.74
C LEU A 215 -25.63 -6.74 6.13
N GLU A 216 -26.79 -7.37 5.96
CA GLU A 216 -28.05 -6.77 6.39
C GLU A 216 -28.27 -6.92 7.88
N LYS A 217 -27.75 -7.99 8.49
CA LYS A 217 -27.80 -8.11 9.95
C LYS A 217 -26.87 -7.11 10.60
N ALA A 218 -25.75 -6.77 9.95
CA ALA A 218 -24.83 -5.78 10.51
C ALA A 218 -25.51 -4.42 10.65
N LEU A 219 -26.39 -4.08 9.71
CA LEU A 219 -27.12 -2.82 9.81
C LEU A 219 -28.08 -2.84 10.99
N GLN A 220 -28.70 -3.98 11.27
CA GLN A 220 -29.60 -4.08 12.41
C GLN A 220 -28.85 -3.90 13.73
N VAL A 221 -27.60 -4.37 13.79
CA VAL A 221 -26.80 -4.16 14.99
C VAL A 221 -26.41 -2.69 15.12
N PHE A 222 -26.19 -2.00 13.99
CA PHE A 222 -25.84 -0.59 14.00
C PHE A 222 -26.87 0.24 14.76
N HIS A 223 -28.14 -0.18 14.73
CA HIS A 223 -29.20 0.57 15.40
C HIS A 223 -29.02 0.62 16.91
N GLN A 224 -28.19 -0.25 17.48
CA GLN A 224 -27.98 -0.24 18.93
C GLN A 224 -27.29 1.02 19.41
N ILE A 225 -26.65 1.77 18.51
CA ILE A 225 -25.77 2.86 18.94
C ILE A 225 -26.55 3.99 19.56
N HIS A 226 -27.83 4.15 19.21
CA HIS A 226 -28.64 5.21 19.81
C HIS A 226 -28.87 4.98 21.29
N ASP A 227 -28.81 3.74 21.75
CA ASP A 227 -29.01 3.45 23.16
C ASP A 227 -27.80 3.83 24.01
N HIS A 228 -26.60 3.54 23.51
CA HIS A 228 -25.39 3.55 24.34
C HIS A 228 -24.47 4.73 24.07
N VAL A 229 -24.80 5.61 23.14
CA VAL A 229 -23.97 6.78 22.84
C VAL A 229 -24.88 8.00 22.71
N ASN A 230 -24.65 9.04 23.55
CA ASN A 230 -25.40 10.26 23.34
C ASN A 230 -24.53 11.30 22.64
N PRO A 231 -25.14 12.18 21.84
CA PRO A 231 -24.33 13.03 20.93
C PRO A 231 -23.36 13.96 21.64
N LYS A 232 -23.80 14.68 22.68
CA LYS A 232 -22.94 15.68 23.29
C LYS A 232 -21.72 15.06 23.96
N ALA A 233 -21.90 13.90 24.60
CA ALA A 233 -20.77 13.24 25.23
C ALA A 233 -19.76 12.76 24.20
N PHE A 234 -20.23 12.26 23.06
CA PHE A 234 -19.31 11.82 22.02
C PHE A 234 -18.55 12.98 21.40
N PHE A 235 -19.27 14.07 21.09
CA PHE A 235 -18.67 15.15 20.33
C PHE A 235 -17.66 15.94 21.15
N SER A 236 -18.01 16.26 22.40
CA SER A 236 -17.18 17.15 23.21
C SER A 236 -16.14 16.41 24.05
N VAL A 237 -16.28 15.09 24.22
CA VAL A 237 -15.36 14.36 25.09
C VAL A 237 -14.64 13.27 24.31
N LEU A 238 -15.38 12.24 23.89
CA LEU A 238 -14.75 11.07 23.28
C LEU A 238 -14.07 11.42 21.95
N ARG A 239 -14.60 12.40 21.23
CA ARG A 239 -14.01 12.80 19.95
C ARG A 239 -12.60 13.33 20.12
N ILE A 240 -12.30 13.94 21.27
CA ILE A 240 -10.98 14.53 21.49
C ILE A 240 -9.91 13.45 21.55
N TYR A 241 -10.15 12.40 22.34
CA TYR A 241 -9.12 11.41 22.61
C TYR A 241 -8.93 10.42 21.47
N LEU A 242 -9.87 10.34 20.53
CA LEU A 242 -9.71 9.48 19.37
C LEU A 242 -8.99 10.16 18.23
N SER A 243 -8.59 11.42 18.40
CA SER A 243 -7.93 12.18 17.34
C SER A 243 -6.43 11.91 17.34
N GLY A 244 -5.84 11.88 16.15
CA GLY A 244 -4.42 11.71 15.99
C GLY A 244 -3.69 13.02 15.75
N TRP A 245 -2.44 12.91 15.31
CA TRP A 245 -1.63 14.08 15.05
C TRP A 245 -1.08 14.09 13.63
N LYS A 246 -1.96 13.84 12.65
CA LYS A 246 -1.63 13.97 11.24
C LYS A 246 -2.61 14.96 10.63
N GLY A 247 -2.09 16.04 10.06
CA GLY A 247 -2.94 17.10 9.57
C GLY A 247 -3.70 17.82 10.66
N ASN A 248 -3.19 17.81 11.88
CA ASN A 248 -3.85 18.43 13.03
C ASN A 248 -3.14 19.73 13.36
N PRO A 249 -3.83 20.87 13.35
CA PRO A 249 -3.16 22.13 13.70
C PRO A 249 -2.65 22.18 15.13
N GLN A 250 -3.24 21.42 16.04
CA GLN A 250 -2.79 21.45 17.43
C GLN A 250 -1.42 20.80 17.58
N LEU A 251 -1.09 19.83 16.71
CA LEU A 251 0.25 19.27 16.59
C LEU A 251 0.61 19.37 15.11
N SER A 252 1.05 20.56 14.70
CA SER A 252 1.18 20.87 13.27
C SER A 252 2.08 19.88 12.56
N ASP A 253 3.29 19.67 13.07
CA ASP A 253 4.27 18.81 12.42
C ASP A 253 4.37 17.43 13.06
N GLY A 254 3.48 17.09 13.98
CA GLY A 254 3.42 15.76 14.55
C GLY A 254 3.84 15.72 16.01
N LEU A 255 4.20 14.51 16.45
CA LEU A 255 4.54 14.24 17.84
C LEU A 255 5.98 13.76 17.93
N VAL A 256 6.66 14.13 19.01
CA VAL A 256 8.04 13.74 19.26
C VAL A 256 8.03 12.49 20.13
N TYR A 257 8.71 11.44 19.67
CA TYR A 257 8.77 10.18 20.38
C TYR A 257 10.08 10.00 21.16
N GLU A 258 10.74 11.11 21.50
CA GLU A 258 11.86 11.16 22.45
C GLU A 258 13.02 10.26 22.05
N GLY A 259 13.17 9.12 22.74
CA GLY A 259 14.32 8.27 22.56
C GLY A 259 14.15 7.20 21.50
N PHE A 260 13.48 7.56 20.41
CA PHE A 260 13.25 6.61 19.32
C PHE A 260 13.37 7.34 17.98
N TRP A 261 12.88 8.57 17.93
CA TRP A 261 12.92 9.37 16.70
C TRP A 261 13.60 10.70 16.97
N GLU A 262 14.36 11.13 15.98
CA GLU A 262 15.09 12.39 16.02
C GLU A 262 14.19 13.60 15.78
N ASP A 263 13.02 13.39 15.18
CA ASP A 263 12.17 14.51 14.75
C ASP A 263 10.71 14.11 14.90
N PRO A 264 9.72 14.98 14.60
CA PRO A 264 8.32 14.59 14.83
C PRO A 264 7.83 13.59 13.79
N LYS A 265 6.66 13.02 14.09
CA LYS A 265 6.02 12.04 13.21
C LYS A 265 4.52 12.29 13.19
N GLU A 266 3.93 12.20 12.00
CA GLU A 266 2.50 12.41 11.80
C GLU A 266 1.84 11.06 11.54
N PHE A 267 1.00 10.63 12.48
CA PHE A 267 0.21 9.41 12.33
C PHE A 267 -1.27 9.75 12.48
N ALA A 268 -2.09 9.10 11.66
CA ALA A 268 -3.53 9.37 11.68
C ALA A 268 -4.18 8.70 12.88
N GLY A 269 -5.26 9.31 13.35
CA GLY A 269 -6.01 8.78 14.47
C GLY A 269 -6.81 7.55 14.10
N GLY A 270 -7.44 6.96 15.11
CA GLY A 270 -8.24 5.77 14.90
C GLY A 270 -9.44 6.05 14.02
N SER A 271 -9.82 5.05 13.22
CA SER A 271 -10.93 5.19 12.30
C SER A 271 -11.35 3.80 11.82
N ALA A 272 -12.63 3.67 11.48
CA ALA A 272 -13.12 2.41 10.94
C ALA A 272 -12.71 2.20 9.48
N GLY A 273 -12.04 3.18 8.87
CA GLY A 273 -11.34 2.92 7.62
C GLY A 273 -10.23 1.90 7.78
N GLN A 274 -9.81 1.65 9.01
CA GLN A 274 -8.85 0.62 9.35
C GLN A 274 -9.51 -0.74 9.59
N SER A 275 -10.83 -0.83 9.46
CA SER A 275 -11.52 -2.10 9.58
C SER A 275 -11.31 -2.94 8.32
N SER A 276 -10.84 -4.16 8.50
CA SER A 276 -10.60 -5.04 7.35
C SER A 276 -11.89 -5.59 6.75
N VAL A 277 -12.98 -5.62 7.52
CA VAL A 277 -14.21 -6.22 7.04
C VAL A 277 -14.82 -5.39 5.91
N PHE A 278 -14.91 -4.07 6.11
CA PHE A 278 -15.56 -3.23 5.12
C PHE A 278 -14.70 -3.05 3.88
N GLN A 279 -13.37 -3.12 4.02
CA GLN A 279 -12.51 -3.11 2.84
C GLN A 279 -12.43 -4.48 2.17
N CYS A 280 -12.78 -5.55 2.88
CA CYS A 280 -12.80 -6.88 2.27
C CYS A 280 -13.91 -6.98 1.22
N PHE A 281 -15.13 -6.60 1.60
CA PHE A 281 -16.25 -6.73 0.67
C PHE A 281 -16.23 -5.67 -0.41
N ASP A 282 -15.57 -4.54 -0.18
CA ASP A 282 -15.32 -3.61 -1.28
C ASP A 282 -14.37 -4.22 -2.30
N VAL A 283 -13.36 -4.96 -1.84
CA VAL A 283 -12.43 -5.62 -2.75
C VAL A 283 -13.09 -6.84 -3.39
N LEU A 284 -13.83 -7.62 -2.60
CA LEU A 284 -14.47 -8.82 -3.12
C LEU A 284 -15.46 -8.49 -4.23
N LEU A 285 -16.25 -7.44 -4.06
CA LEU A 285 -17.29 -7.06 -5.02
C LEU A 285 -16.78 -6.13 -6.11
N GLY A 286 -15.47 -5.94 -6.23
CA GLY A 286 -14.93 -5.11 -7.28
C GLY A 286 -15.32 -3.66 -7.22
N ILE A 287 -15.74 -3.17 -6.04
CA ILE A 287 -16.10 -1.77 -5.90
C ILE A 287 -14.88 -0.86 -6.03
N GLN A 288 -13.68 -1.42 -5.90
CA GLN A 288 -12.40 -0.73 -6.06
C GLN A 288 -12.42 0.65 -5.40
N GLN A 289 -12.64 0.63 -4.08
CA GLN A 289 -12.61 1.86 -3.30
C GLN A 289 -11.20 2.45 -3.24
N THR A 290 -10.17 1.64 -3.52
CA THR A 290 -8.80 2.10 -3.60
C THR A 290 -8.45 2.67 -4.97
N ALA A 291 -9.06 2.15 -6.03
CA ALA A 291 -8.79 2.66 -7.37
C ALA A 291 -9.44 4.02 -7.59
N GLY A 292 -8.84 4.82 -8.45
CA GLY A 292 -9.36 6.13 -8.77
C GLY A 292 -8.32 7.24 -8.72
N GLY A 293 -7.33 7.08 -7.85
CA GLY A 293 -6.31 8.08 -7.66
C GLY A 293 -6.76 9.32 -6.92
N GLY A 294 -8.02 9.41 -6.54
CA GLY A 294 -8.52 10.56 -5.83
C GLY A 294 -8.05 10.59 -4.38
N HIS A 295 -8.59 11.55 -3.65
CA HIS A 295 -8.19 11.73 -2.26
C HIS A 295 -8.81 10.67 -1.36
N ALA A 296 -10.09 10.35 -1.55
CA ALA A 296 -10.74 9.33 -0.74
C ALA A 296 -10.16 7.94 -1.00
N ALA A 297 -9.71 7.70 -2.23
CA ALA A 297 -9.09 6.41 -2.54
C ALA A 297 -7.74 6.26 -1.85
N GLN A 298 -6.98 7.36 -1.75
CA GLN A 298 -5.68 7.30 -1.08
C GLN A 298 -5.83 7.15 0.43
N PHE A 299 -6.87 7.77 1.01
CA PHE A 299 -7.06 7.69 2.45
C PHE A 299 -7.32 6.25 2.90
N LEU A 300 -8.10 5.50 2.13
CA LEU A 300 -8.41 4.13 2.52
C LEU A 300 -7.27 3.17 2.23
N GLN A 301 -6.44 3.47 1.24
CA GLN A 301 -5.21 2.69 1.06
C GLN A 301 -4.21 2.99 2.16
N ASP A 302 -4.24 4.21 2.71
CA ASP A 302 -3.36 4.57 3.82
C ASP A 302 -3.73 3.80 5.08
N MET A 303 -5.03 3.73 5.38
CA MET A 303 -5.48 3.06 6.60
C MET A 303 -5.13 1.59 6.63
N ARG A 304 -4.85 0.99 5.47
CA ARG A 304 -4.44 -0.42 5.45
C ARG A 304 -3.14 -0.63 6.21
N ARG A 305 -2.25 0.35 6.22
CA ARG A 305 -1.03 0.25 7.01
C ARG A 305 -1.30 0.24 8.51
N TYR A 306 -2.50 0.65 8.92
CA TYR A 306 -2.89 0.66 10.33
C TYR A 306 -3.60 -0.63 10.74
N MET A 307 -3.73 -1.60 9.83
CA MET A 307 -4.27 -2.92 10.10
C MET A 307 -3.17 -3.88 10.50
N PRO A 308 -3.48 -4.92 11.28
CA PRO A 308 -2.48 -5.92 11.60
C PRO A 308 -1.95 -6.55 10.32
N PRO A 309 -0.69 -6.99 10.32
CA PRO A 309 -0.09 -7.48 9.07
C PRO A 309 -0.83 -8.66 8.46
N ALA A 310 -1.36 -9.56 9.29
CA ALA A 310 -2.08 -10.72 8.76
C ALA A 310 -3.36 -10.28 8.05
N HIS A 311 -4.04 -9.26 8.56
CA HIS A 311 -5.23 -8.75 7.90
C HIS A 311 -4.87 -7.92 6.67
N ARG A 312 -3.76 -7.18 6.75
CA ARG A 312 -3.26 -6.47 5.59
C ARG A 312 -2.94 -7.44 4.46
N ASN A 313 -2.40 -8.61 4.79
CA ASN A 313 -2.13 -9.63 3.79
C ASN A 313 -3.40 -10.24 3.24
N PHE A 314 -4.46 -10.32 4.05
CA PHE A 314 -5.70 -10.94 3.59
C PHE A 314 -6.40 -10.06 2.56
N LEU A 315 -6.51 -8.76 2.85
CA LEU A 315 -7.05 -7.81 1.88
C LEU A 315 -6.29 -7.91 0.56
N CYS A 316 -4.97 -8.08 0.63
CA CYS A 316 -4.16 -8.12 -0.57
C CYS A 316 -4.33 -9.43 -1.34
N SER A 317 -4.62 -10.53 -0.64
CA SER A 317 -4.79 -11.81 -1.33
C SER A 317 -6.08 -11.84 -2.15
N LEU A 318 -7.13 -11.18 -1.68
CA LEU A 318 -8.37 -11.13 -2.45
C LEU A 318 -8.18 -10.40 -3.77
N GLU A 319 -7.32 -9.38 -3.79
CA GLU A 319 -7.07 -8.62 -5.01
C GLU A 319 -6.34 -9.44 -6.06
N SER A 320 -5.63 -10.49 -5.67
CA SER A 320 -4.91 -11.34 -6.60
C SER A 320 -5.80 -12.34 -7.32
N ASN A 321 -7.07 -12.43 -6.96
CA ASN A 321 -8.02 -13.32 -7.58
C ASN A 321 -8.81 -12.60 -8.66
N PRO A 322 -9.43 -13.34 -9.58
CA PRO A 322 -10.32 -12.69 -10.56
C PRO A 322 -11.50 -12.03 -9.85
N SER A 323 -11.92 -10.89 -10.39
CA SER A 323 -12.98 -10.11 -9.76
C SER A 323 -14.30 -10.85 -9.84
N VAL A 324 -15.07 -10.79 -8.75
CA VAL A 324 -16.43 -11.32 -8.77
C VAL A 324 -17.31 -10.47 -9.66
N ARG A 325 -17.03 -9.17 -9.75
CA ARG A 325 -17.88 -8.28 -10.53
C ARG A 325 -17.76 -8.55 -12.02
N GLU A 326 -16.55 -8.83 -12.51
CA GLU A 326 -16.38 -9.11 -13.93
C GLU A 326 -16.93 -10.48 -14.31
N PHE A 327 -17.10 -11.39 -13.35
CA PHE A 327 -17.71 -12.68 -13.63
C PHE A 327 -19.22 -12.54 -13.80
N VAL A 328 -19.88 -11.86 -12.86
CA VAL A 328 -21.32 -11.66 -12.95
C VAL A 328 -21.66 -10.76 -14.12
N LEU A 329 -20.81 -9.78 -14.41
CA LEU A 329 -21.11 -8.81 -15.47
C LEU A 329 -21.07 -9.46 -16.85
N SER A 330 -20.14 -10.38 -17.07
CA SER A 330 -20.01 -10.99 -18.39
C SER A 330 -21.16 -11.93 -18.69
N LYS A 331 -21.65 -12.66 -17.69
CA LYS A 331 -22.69 -13.66 -17.90
C LYS A 331 -24.07 -13.00 -17.82
N GLY A 332 -24.93 -13.33 -18.77
CA GLY A 332 -26.28 -12.81 -18.79
C GLY A 332 -27.21 -13.57 -17.87
N ASP A 333 -26.97 -13.49 -16.57
CA ASP A 333 -27.73 -14.22 -15.56
C ASP A 333 -28.39 -13.19 -14.64
N ALA A 334 -29.69 -12.98 -14.83
CA ALA A 334 -30.41 -12.02 -14.01
C ALA A 334 -30.43 -12.43 -12.55
N GLY A 335 -30.56 -13.73 -12.28
CA GLY A 335 -30.51 -14.20 -10.91
C GLY A 335 -29.16 -13.98 -10.26
N LEU A 336 -28.09 -14.01 -11.06
CA LEU A 336 -26.76 -13.72 -10.53
C LEU A 336 -26.54 -12.23 -10.33
N ARG A 337 -27.14 -11.40 -11.18
CA ARG A 337 -27.00 -9.95 -11.05
C ARG A 337 -27.74 -9.44 -9.82
N GLU A 338 -28.93 -9.99 -9.53
CA GLU A 338 -29.69 -9.55 -8.38
C GLU A 338 -29.04 -10.00 -7.08
N ALA A 339 -28.38 -11.16 -7.07
CA ALA A 339 -27.66 -11.59 -5.88
C ALA A 339 -26.41 -10.75 -5.65
N TYR A 340 -25.73 -10.36 -6.74
CA TYR A 340 -24.60 -9.46 -6.61
C TYR A 340 -25.04 -8.09 -6.14
N ASP A 341 -26.14 -7.57 -6.70
CA ASP A 341 -26.62 -6.25 -6.31
C ASP A 341 -27.16 -6.24 -4.88
N ALA A 342 -27.59 -7.40 -4.37
CA ALA A 342 -28.01 -7.46 -2.97
C ALA A 342 -26.84 -7.22 -2.02
N CYS A 343 -25.65 -7.68 -2.39
CA CYS A 343 -24.46 -7.39 -1.60
C CYS A 343 -24.08 -5.91 -1.70
N VAL A 344 -24.13 -5.36 -2.91
CA VAL A 344 -23.80 -3.95 -3.09
C VAL A 344 -24.82 -3.05 -2.38
N LYS A 345 -26.10 -3.37 -2.51
CA LYS A 345 -27.13 -2.55 -1.87
C LYS A 345 -27.02 -2.60 -0.36
N ALA A 346 -26.58 -3.74 0.20
CA ALA A 346 -26.41 -3.83 1.65
C ALA A 346 -25.33 -2.88 2.13
N LEU A 347 -24.26 -2.70 1.34
CA LEU A 347 -23.23 -1.74 1.71
C LEU A 347 -23.74 -0.31 1.61
N VAL A 348 -24.52 -0.01 0.58
CA VAL A 348 -25.10 1.32 0.44
C VAL A 348 -26.03 1.63 1.60
N SER A 349 -26.77 0.62 2.06
CA SER A 349 -27.66 0.82 3.21
C SER A 349 -26.87 1.09 4.48
N LEU A 350 -25.71 0.44 4.63
CA LEU A 350 -24.86 0.70 5.78
C LEU A 350 -24.31 2.13 5.74
N ARG A 351 -23.72 2.54 4.62
CA ARG A 351 -23.12 3.85 4.54
C ARG A 351 -24.17 4.96 4.56
N SER A 352 -25.41 4.64 4.16
CA SER A 352 -26.48 5.63 4.23
C SER A 352 -26.97 5.83 5.66
N TYR A 353 -27.17 4.73 6.40
CA TYR A 353 -27.53 4.85 7.81
C TYR A 353 -26.38 5.44 8.61
N HIS A 354 -25.14 5.06 8.26
CA HIS A 354 -23.97 5.68 8.88
C HIS A 354 -23.90 7.16 8.56
N LEU A 355 -24.35 7.56 7.37
CA LEU A 355 -24.35 8.97 7.01
C LEU A 355 -25.34 9.76 7.87
N GLN A 356 -26.43 9.11 8.30
CA GLN A 356 -27.33 9.76 9.26
C GLN A 356 -26.70 9.81 10.64
N ILE A 357 -25.86 8.82 10.97
CA ILE A 357 -25.22 8.78 12.28
C ILE A 357 -24.29 9.98 12.46
N VAL A 358 -23.52 10.31 11.41
CA VAL A 358 -22.57 11.42 11.50
C VAL A 358 -23.32 12.73 11.73
N THR A 359 -24.48 12.90 11.09
CA THR A 359 -25.22 14.14 11.24
C THR A 359 -25.78 14.29 12.66
N LYS A 360 -26.07 13.18 13.34
CA LYS A 360 -26.63 13.28 14.68
C LYS A 360 -25.56 13.58 15.73
N TYR A 361 -24.39 12.95 15.61
CA TYR A 361 -23.37 13.06 16.64
C TYR A 361 -22.22 13.99 16.27
N ILE A 362 -22.21 14.55 15.06
CA ILE A 362 -21.15 15.48 14.69
C ILE A 362 -21.73 16.78 14.17
N LEU A 363 -22.53 16.70 13.11
CA LEU A 363 -23.01 17.92 12.46
C LEU A 363 -23.93 18.73 13.36
N ILE A 364 -24.83 18.06 14.08
CA ILE A 364 -25.77 18.75 14.96
C ILE A 364 -25.07 19.29 16.20
N PRO A 365 -24.26 18.50 16.92
CA PRO A 365 -23.57 19.08 18.09
C PRO A 365 -22.58 20.18 17.74
N ALA A 366 -21.93 20.09 16.57
CA ALA A 366 -20.99 21.13 16.18
C ALA A 366 -21.70 22.45 15.89
N SER A 367 -22.91 22.39 15.34
CA SER A 367 -23.65 23.60 15.04
C SER A 367 -24.07 24.33 16.30
N GLN A 368 -24.38 23.60 17.37
CA GLN A 368 -24.82 24.23 18.61
C GLN A 368 -23.70 24.92 19.37
N GLN A 369 -22.45 24.65 19.02
CA GLN A 369 -21.32 25.29 19.67
C GLN A 369 -21.16 26.73 19.21
N ASP A 391 -15.70 18.27 4.29
CA ASP A 391 -14.63 17.34 3.96
C ASP A 391 -14.89 15.95 4.53
N LEU A 392 -15.25 15.90 5.82
CA LEU A 392 -15.80 14.66 6.39
C LEU A 392 -17.01 14.20 5.60
N MET A 393 -18.02 15.07 5.49
CA MET A 393 -19.21 14.73 4.70
C MET A 393 -18.85 14.42 3.27
N ASN A 394 -17.95 15.19 2.66
CA ASN A 394 -17.58 14.97 1.27
C ASN A 394 -16.85 13.66 1.07
N PHE A 395 -16.06 13.22 2.06
CA PHE A 395 -15.36 11.95 1.93
C PHE A 395 -16.33 10.77 2.04
N LEU A 396 -17.27 10.83 2.98
CA LEU A 396 -18.14 9.68 3.23
C LEU A 396 -19.08 9.42 2.07
N LYS A 397 -19.72 10.47 1.55
CA LYS A 397 -20.60 10.28 0.41
C LYS A 397 -19.85 10.09 -0.90
N THR A 398 -18.54 10.36 -0.93
CA THR A 398 -17.73 9.91 -2.05
C THR A 398 -17.53 8.40 -2.01
N VAL A 399 -17.37 7.84 -0.80
CA VAL A 399 -17.33 6.39 -0.65
C VAL A 399 -18.70 5.79 -0.92
N ARG A 400 -19.76 6.47 -0.48
CA ARG A 400 -21.10 5.97 -0.72
C ARG A 400 -21.46 6.04 -2.20
N SER A 401 -20.98 7.06 -2.90
CA SER A 401 -21.26 7.18 -4.32
C SER A 401 -20.54 6.09 -5.12
N THR A 402 -19.27 5.81 -4.77
CA THR A 402 -18.53 4.76 -5.47
C THR A 402 -19.20 3.40 -5.29
N THR A 403 -19.77 3.16 -4.11
CA THR A 403 -20.44 1.89 -3.85
C THR A 403 -21.75 1.79 -4.62
N GLU A 404 -22.56 2.86 -4.63
CA GLU A 404 -23.84 2.83 -5.31
C GLU A 404 -23.70 2.80 -6.83
N LYS A 405 -22.59 3.31 -7.36
CA LYS A 405 -22.32 3.21 -8.79
C LYS A 405 -21.77 1.85 -9.20
N SER A 406 -21.61 0.92 -8.26
CA SER A 406 -21.19 -0.43 -8.56
C SER A 406 -22.37 -1.37 -8.80
N LEU A 407 -23.59 -0.88 -8.66
CA LEU A 407 -24.76 -1.69 -8.98
C LEU A 407 -24.81 -1.99 -10.48
N LEU A 408 -25.50 -3.08 -10.82
CA LEU A 408 -25.67 -3.50 -12.20
C LEU A 408 -27.06 -3.27 -12.74
N LYS A 409 -28.09 -3.53 -11.93
CA LYS A 409 -29.47 -3.43 -12.40
C LYS A 409 -29.97 -2.00 -12.39
N GLU A 410 -29.79 -1.29 -11.27
CA GLU A 410 -30.22 0.10 -11.19
C GLU A 410 -29.20 1.03 -11.84
N ILE B 19 8.66 -21.85 -9.23
CA ILE B 19 7.76 -20.70 -9.21
C ILE B 19 6.61 -20.93 -10.20
N SER B 20 5.42 -20.45 -9.83
CA SER B 20 4.26 -20.58 -10.69
C SER B 20 4.37 -19.61 -11.87
N LYS B 21 3.69 -19.96 -12.97
CA LYS B 21 3.66 -19.13 -14.16
C LYS B 21 2.59 -18.04 -14.10
N GLU B 22 1.69 -18.07 -13.12
CA GLU B 22 0.72 -17.00 -12.95
C GLU B 22 1.39 -15.66 -12.62
N TYR B 23 2.59 -15.70 -12.04
CA TYR B 23 3.29 -14.48 -11.62
C TYR B 23 4.11 -13.86 -12.75
N HIS B 24 4.22 -14.52 -13.89
CA HIS B 24 4.94 -14.00 -15.05
C HIS B 24 6.39 -13.66 -14.70
N ILE B 25 7.05 -14.61 -14.04
CA ILE B 25 8.46 -14.48 -13.69
C ILE B 25 9.24 -15.42 -14.61
N ASP B 26 10.10 -14.84 -15.45
CA ASP B 26 10.85 -15.62 -16.41
C ASP B 26 12.07 -16.26 -15.77
N GLU B 27 12.41 -17.47 -16.20
CA GLU B 27 13.56 -18.16 -15.65
C GLU B 27 14.88 -17.51 -16.07
N GLU B 28 14.86 -16.73 -17.16
CA GLU B 28 16.08 -16.11 -17.69
C GLU B 28 16.19 -14.64 -17.28
N VAL B 29 15.22 -13.81 -17.66
CA VAL B 29 15.28 -12.37 -17.40
C VAL B 29 14.48 -11.98 -16.17
N GLY B 30 13.91 -12.94 -15.45
CA GLY B 30 13.20 -12.64 -14.22
C GLY B 30 11.92 -11.84 -14.41
N PHE B 31 11.89 -10.62 -13.85
CA PHE B 31 10.70 -9.78 -13.94
C PHE B 31 10.56 -9.10 -15.29
N ALA B 32 11.63 -9.03 -16.08
CA ALA B 32 11.55 -8.41 -17.39
C ALA B 32 10.67 -9.24 -18.33
N LEU B 33 10.08 -8.55 -19.29
CA LEU B 33 9.29 -9.24 -20.32
C LEU B 33 10.24 -9.96 -21.27
N PRO B 34 10.24 -11.29 -21.31
CA PRO B 34 11.23 -12.01 -22.13
C PRO B 34 10.94 -11.85 -23.61
N ASN B 35 11.96 -11.40 -24.35
CA ASN B 35 11.90 -11.15 -25.78
C ASN B 35 10.67 -10.32 -26.15
N PRO B 36 10.64 -9.04 -25.78
CA PRO B 36 9.45 -8.23 -26.07
C PRO B 36 9.25 -8.03 -27.56
N GLN B 37 8.00 -7.83 -27.95
CA GLN B 37 7.64 -7.70 -29.35
C GLN B 37 8.15 -6.38 -29.92
N GLU B 38 8.49 -6.40 -31.20
CA GLU B 38 9.06 -5.24 -31.87
C GLU B 38 8.10 -4.53 -32.82
N ASN B 39 7.13 -5.24 -33.39
CA ASN B 39 6.24 -4.67 -34.39
C ASN B 39 4.79 -4.93 -34.02
N LEU B 40 3.98 -3.88 -34.07
CA LEU B 40 2.54 -3.98 -33.87
C LEU B 40 1.88 -4.47 -35.15
N PRO B 41 0.61 -4.88 -35.08
CA PRO B 41 -0.13 -5.19 -36.30
C PRO B 41 -0.19 -3.99 -37.24
N ASP B 42 -0.61 -4.26 -38.48
CA ASP B 42 -0.58 -3.24 -39.51
C ASP B 42 -1.65 -2.17 -39.32
N PHE B 43 -2.69 -2.45 -38.54
CA PHE B 43 -3.67 -1.41 -38.22
C PHE B 43 -2.99 -0.24 -37.52
N TYR B 44 -2.11 -0.54 -36.56
CA TYR B 44 -1.51 0.50 -35.73
C TYR B 44 -0.22 1.01 -36.35
N ASN B 45 -0.14 0.99 -37.68
CA ASN B 45 1.01 1.57 -38.36
C ASN B 45 1.10 3.07 -38.13
N ASP B 46 -0.05 3.72 -37.90
CA ASP B 46 -0.04 5.16 -37.63
C ASP B 46 0.58 5.47 -36.27
N TRP B 47 0.46 4.55 -35.32
CA TRP B 47 1.03 4.79 -33.99
C TRP B 47 2.55 4.66 -34.02
N MET B 48 3.06 3.56 -34.57
CA MET B 48 4.49 3.26 -34.47
C MET B 48 5.33 4.22 -35.30
N PHE B 49 4.78 4.73 -36.40
CA PHE B 49 5.54 5.69 -37.22
C PHE B 49 5.92 6.93 -36.42
N ILE B 50 5.06 7.34 -35.49
CA ILE B 50 5.38 8.49 -34.65
C ILE B 50 6.37 8.10 -33.56
N ALA B 51 6.15 6.94 -32.91
CA ALA B 51 7.01 6.52 -31.82
C ALA B 51 8.41 6.17 -32.31
N LYS B 52 8.53 5.65 -33.53
CA LYS B 52 9.84 5.27 -34.06
C LYS B 52 10.67 6.48 -34.47
N HIS B 53 10.02 7.56 -34.92
CA HIS B 53 10.73 8.67 -35.52
C HIS B 53 10.70 9.96 -34.69
N LEU B 54 10.28 9.89 -33.43
CA LEU B 54 10.10 11.13 -32.67
C LEU B 54 11.39 11.79 -32.18
N PRO B 55 12.57 11.15 -32.21
CA PRO B 55 13.80 11.93 -31.98
C PRO B 55 13.94 13.13 -32.90
N ASP B 56 13.75 12.94 -34.20
CA ASP B 56 13.80 14.04 -35.16
C ASP B 56 12.44 14.66 -35.42
N LEU B 57 11.37 14.09 -34.86
CA LEU B 57 10.01 14.56 -35.09
C LEU B 57 9.59 15.62 -34.09
N ILE B 58 10.03 15.51 -32.83
CA ILE B 58 9.77 16.57 -31.87
C ILE B 58 10.74 17.73 -32.04
N GLU B 59 11.88 17.51 -32.70
CA GLU B 59 12.82 18.58 -32.96
C GLU B 59 12.36 19.50 -34.09
N SER B 60 11.50 19.00 -34.98
CA SER B 60 10.91 19.82 -36.04
C SER B 60 9.55 20.37 -35.66
N GLY B 61 9.11 20.14 -34.42
CA GLY B 61 7.86 20.68 -33.95
C GLY B 61 6.62 20.11 -34.59
N GLN B 62 6.70 18.89 -35.12
CA GLN B 62 5.57 18.27 -35.81
C GLN B 62 4.86 17.22 -34.96
N LEU B 63 5.39 16.88 -33.79
CA LEU B 63 4.80 15.79 -33.01
C LEU B 63 3.41 16.16 -32.51
N ARG B 64 3.26 17.38 -31.99
CA ARG B 64 1.94 17.85 -31.58
C ARG B 64 0.95 17.73 -32.73
N GLU B 65 1.31 18.27 -33.90
CA GLU B 65 0.39 18.32 -35.04
C GLU B 65 -0.04 16.93 -35.50
N ARG B 66 0.81 15.92 -35.32
CA ARG B 66 0.46 14.58 -35.75
C ARG B 66 -0.43 13.85 -34.76
N VAL B 67 -0.40 14.24 -33.48
CA VAL B 67 -1.14 13.51 -32.46
C VAL B 67 -2.64 13.77 -32.60
N GLU B 68 -3.04 15.02 -32.87
CA GLU B 68 -4.45 15.34 -32.90
C GLU B 68 -5.17 14.83 -34.14
N LYS B 69 -4.45 14.59 -35.24
CA LYS B 69 -5.03 14.03 -36.45
C LYS B 69 -4.37 12.68 -36.75
N LEU B 70 -4.99 11.60 -36.27
CA LEU B 70 -4.53 10.25 -36.60
C LEU B 70 -5.65 9.25 -36.42
N ASN B 71 -6.84 9.75 -36.06
CA ASN B 71 -8.05 8.94 -35.88
C ASN B 71 -7.93 7.97 -34.71
N MET B 72 -9.07 7.60 -34.14
CA MET B 72 -9.11 6.76 -32.95
C MET B 72 -9.09 5.29 -33.37
N LEU B 73 -7.98 4.62 -33.12
CA LEU B 73 -7.85 3.19 -33.41
C LEU B 73 -8.31 2.36 -32.22
N SER B 74 -8.91 1.21 -32.51
CA SER B 74 -9.46 0.34 -31.49
C SER B 74 -8.38 -0.57 -30.93
N ILE B 75 -8.46 -0.84 -29.61
CA ILE B 75 -7.49 -1.71 -28.95
C ILE B 75 -7.86 -3.19 -29.08
N ASP B 76 -8.94 -3.52 -29.77
CA ASP B 76 -9.42 -4.89 -29.81
C ASP B 76 -8.61 -5.76 -30.77
N HIS B 77 -7.86 -5.17 -31.69
CA HIS B 77 -7.07 -5.93 -32.65
C HIS B 77 -5.66 -6.23 -32.12
N LEU B 78 -5.35 -5.81 -30.90
CA LEU B 78 -4.12 -6.22 -30.21
C LEU B 78 -4.46 -7.50 -29.45
N THR B 79 -4.12 -8.65 -30.04
CA THR B 79 -4.68 -9.91 -29.57
C THR B 79 -3.91 -10.48 -28.38
N ASP B 80 -2.58 -10.55 -28.48
CA ASP B 80 -1.79 -11.24 -27.47
C ASP B 80 -1.34 -10.26 -26.38
N HIS B 81 -0.41 -10.70 -25.53
CA HIS B 81 0.06 -9.90 -24.41
C HIS B 81 1.29 -9.08 -24.76
N LYS B 82 2.20 -9.62 -25.57
CA LYS B 82 3.42 -8.88 -25.89
C LYS B 82 3.15 -7.67 -26.78
N SER B 83 2.13 -7.75 -27.65
CA SER B 83 1.79 -6.58 -28.45
C SER B 83 1.09 -5.52 -27.60
N GLN B 84 0.28 -5.95 -26.63
CA GLN B 84 -0.32 -5.01 -25.68
C GLN B 84 0.76 -4.28 -24.89
N ARG B 85 1.80 -5.01 -24.48
CA ARG B 85 2.91 -4.37 -23.78
C ARG B 85 3.65 -3.40 -24.70
N LEU B 86 3.83 -3.78 -25.97
CA LEU B 86 4.45 -2.87 -26.93
C LEU B 86 3.56 -1.67 -27.20
N ALA B 87 2.26 -1.91 -27.41
CA ALA B 87 1.33 -0.82 -27.69
C ALA B 87 1.26 0.16 -26.51
N ARG B 88 1.28 -0.36 -25.28
CA ARG B 88 1.38 0.52 -24.13
C ARG B 88 2.68 1.30 -24.15
N LEU B 89 3.78 0.65 -24.51
CA LEU B 89 5.05 1.33 -24.64
C LEU B 89 5.02 2.36 -25.76
N VAL B 90 4.36 2.01 -26.87
CA VAL B 90 4.25 2.95 -28.00
C VAL B 90 3.43 4.16 -27.59
N LEU B 91 2.22 3.93 -27.09
CA LEU B 91 1.36 5.03 -26.68
C LEU B 91 1.90 5.79 -25.48
N GLY B 92 2.83 5.20 -24.73
CA GLY B 92 3.39 5.85 -23.57
C GLY B 92 4.45 6.88 -23.93
N CYS B 93 5.28 6.54 -24.92
CA CYS B 93 6.38 7.44 -25.30
C CYS B 93 5.85 8.69 -26.00
N ILE B 94 4.92 8.52 -26.95
CA ILE B 94 4.36 9.68 -27.62
C ILE B 94 3.51 10.50 -26.66
N THR B 95 2.97 9.88 -25.62
CA THR B 95 2.28 10.64 -24.58
C THR B 95 3.26 11.51 -23.82
N MET B 96 4.46 10.99 -23.53
CA MET B 96 5.49 11.81 -22.89
C MET B 96 5.90 12.98 -23.77
N ALA B 97 6.17 12.70 -25.05
CA ALA B 97 6.64 13.74 -25.95
C ALA B 97 5.57 14.79 -26.23
N TYR B 98 4.29 14.39 -26.19
CA TYR B 98 3.22 15.35 -26.45
C TYR B 98 3.10 16.36 -25.31
N VAL B 99 3.25 15.90 -24.06
CA VAL B 99 3.06 16.78 -22.92
C VAL B 99 4.26 17.70 -22.74
N TRP B 100 5.47 17.18 -22.85
CA TRP B 100 6.67 17.96 -22.60
C TRP B 100 7.23 18.63 -23.85
N GLY B 101 6.76 18.24 -25.04
CA GLY B 101 7.18 18.92 -26.26
C GLY B 101 8.68 18.81 -26.46
N LYS B 102 9.33 19.97 -26.62
CA LYS B 102 10.78 20.02 -26.72
C LYS B 102 11.47 19.99 -25.36
N GLY B 103 10.72 19.84 -24.28
CA GLY B 103 11.29 19.75 -22.96
C GLY B 103 11.88 21.05 -22.44
N HIS B 104 11.07 22.11 -22.41
CA HIS B 104 11.56 23.40 -21.92
C HIS B 104 10.46 24.20 -21.23
N GLY B 105 9.46 23.54 -20.67
CA GLY B 105 8.44 24.21 -19.90
C GLY B 105 7.20 24.61 -20.68
N ASP B 106 6.89 23.90 -21.76
CA ASP B 106 5.70 24.17 -22.56
C ASP B 106 4.83 22.90 -22.52
N VAL B 107 3.85 22.88 -21.61
CA VAL B 107 3.12 21.68 -21.30
C VAL B 107 1.74 21.71 -21.95
N ARG B 108 1.13 20.54 -22.06
CA ARG B 108 -0.25 20.38 -22.50
C ARG B 108 -1.02 19.68 -21.40
N LYS B 109 -1.94 20.41 -20.76
CA LYS B 109 -2.75 19.84 -19.68
C LYS B 109 -3.88 18.97 -20.19
N VAL B 110 -4.04 18.85 -21.52
CA VAL B 110 -5.11 18.05 -22.12
C VAL B 110 -4.49 17.09 -23.12
N LEU B 111 -4.91 15.82 -23.07
CA LEU B 111 -4.46 14.81 -24.02
C LEU B 111 -5.59 14.51 -25.00
N PRO B 112 -5.32 14.52 -26.30
CA PRO B 112 -6.41 14.41 -27.27
C PRO B 112 -7.10 13.05 -27.24
N ARG B 113 -8.38 13.06 -27.63
CA ARG B 113 -9.17 11.83 -27.62
C ARG B 113 -8.56 10.76 -28.50
N ASN B 114 -7.96 11.15 -29.63
CA ASN B 114 -7.38 10.19 -30.55
C ASN B 114 -6.30 9.33 -29.91
N ILE B 115 -5.74 9.77 -28.78
CA ILE B 115 -4.73 9.01 -28.06
C ILE B 115 -5.15 8.73 -26.62
N ALA B 116 -5.81 9.70 -25.97
CA ALA B 116 -6.14 9.54 -24.56
C ALA B 116 -7.10 8.37 -24.32
N VAL B 117 -8.03 8.15 -25.24
CA VAL B 117 -9.01 7.08 -25.07
C VAL B 117 -8.35 5.72 -25.27
N PRO B 118 -7.69 5.42 -26.40
CA PRO B 118 -7.11 4.08 -26.56
C PRO B 118 -5.99 3.78 -25.57
N TYR B 119 -5.31 4.82 -25.08
CA TYR B 119 -4.29 4.59 -24.05
C TYR B 119 -4.94 4.14 -22.74
N CYS B 120 -5.99 4.84 -22.30
CA CYS B 120 -6.65 4.49 -21.06
C CYS B 120 -7.38 3.16 -21.17
N GLN B 121 -8.00 2.89 -22.33
CA GLN B 121 -8.69 1.61 -22.52
C GLN B 121 -7.71 0.45 -22.49
N LEU B 122 -6.53 0.62 -23.10
CA LEU B 122 -5.50 -0.41 -23.02
C LEU B 122 -4.88 -0.48 -21.64
N SER B 123 -4.74 0.67 -20.97
CA SER B 123 -4.18 0.68 -19.62
C SER B 123 -5.12 -0.01 -18.63
N LYS B 124 -6.43 0.22 -18.76
CA LYS B 124 -7.38 -0.48 -17.91
C LYS B 124 -7.35 -1.98 -18.15
N LYS B 125 -7.18 -2.39 -19.42
CA LYS B 125 -7.10 -3.81 -19.73
C LYS B 125 -5.89 -4.46 -19.07
N LEU B 126 -4.79 -3.72 -18.90
CA LEU B 126 -3.58 -4.23 -18.30
C LEU B 126 -3.44 -3.84 -16.82
N GLU B 127 -4.42 -3.13 -16.26
CA GLU B 127 -4.42 -2.73 -14.85
C GLU B 127 -3.21 -1.86 -14.51
N LEU B 128 -2.80 -1.03 -15.47
CA LEU B 128 -1.69 -0.10 -15.30
C LEU B 128 -2.20 1.33 -15.49
N PRO B 129 -1.57 2.31 -14.84
CA PRO B 129 -1.99 3.70 -15.01
C PRO B 129 -1.60 4.21 -16.39
N PRO B 130 -2.43 5.07 -16.99
CA PRO B 130 -2.11 5.56 -18.35
C PRO B 130 -0.94 6.52 -18.36
N ILE B 131 0.26 6.00 -18.08
CA ILE B 131 1.48 6.80 -18.10
C ILE B 131 2.64 5.83 -18.23
N LEU B 132 3.72 6.29 -18.86
CA LEU B 132 4.89 5.44 -19.06
C LEU B 132 5.50 5.05 -17.72
N VAL B 133 5.60 3.74 -17.47
CA VAL B 133 6.09 3.24 -16.19
C VAL B 133 7.35 2.40 -16.40
N TYR B 134 7.94 1.95 -15.30
CA TYR B 134 9.17 1.18 -15.34
C TYR B 134 8.98 -0.12 -16.13
N ALA B 135 7.82 -0.75 -16.00
CA ALA B 135 7.54 -1.99 -16.73
C ALA B 135 7.37 -1.76 -18.22
N ASP B 136 7.20 -0.51 -18.67
CA ASP B 136 7.05 -0.21 -20.08
C ASP B 136 8.39 0.15 -20.73
N CYS B 137 9.09 1.13 -20.17
CA CYS B 137 10.27 1.70 -20.82
C CYS B 137 11.56 0.98 -20.43
N VAL B 138 11.51 -0.07 -19.62
CA VAL B 138 12.71 -0.82 -19.27
C VAL B 138 12.46 -2.31 -19.48
N LEU B 139 11.42 -2.84 -18.85
CA LEU B 139 11.19 -4.28 -18.88
C LEU B 139 10.75 -4.76 -20.26
N ALA B 140 10.13 -3.89 -21.07
CA ALA B 140 9.63 -4.27 -22.37
C ALA B 140 10.24 -3.44 -23.51
N ASN B 141 11.29 -2.68 -23.23
CA ASN B 141 11.83 -1.75 -24.22
C ASN B 141 13.24 -2.16 -24.65
N TRP B 142 13.41 -3.43 -25.01
CA TRP B 142 14.72 -3.91 -25.42
C TRP B 142 14.57 -4.98 -26.49
N LYS B 143 15.70 -5.39 -27.07
CA LYS B 143 15.72 -6.42 -28.08
C LYS B 143 17.14 -6.97 -28.17
N LYS B 144 17.25 -8.19 -28.69
CA LYS B 144 18.54 -8.82 -28.92
C LYS B 144 18.98 -8.53 -30.36
N LYS B 145 20.11 -7.84 -30.51
CA LYS B 145 20.64 -7.61 -31.84
C LYS B 145 21.01 -8.92 -32.52
N ASP B 146 21.55 -9.86 -31.75
CA ASP B 146 21.79 -11.23 -32.23
C ASP B 146 21.17 -12.17 -31.21
N PRO B 147 20.10 -12.89 -31.55
CA PRO B 147 19.43 -13.75 -30.56
C PRO B 147 20.21 -15.02 -30.24
N ASN B 148 21.47 -15.09 -30.66
CA ASN B 148 22.32 -16.24 -30.37
C ASN B 148 23.39 -15.97 -29.33
N LYS B 149 23.80 -14.71 -29.15
CA LYS B 149 24.79 -14.33 -28.17
C LYS B 149 24.11 -13.86 -26.88
N PRO B 150 24.78 -13.97 -25.74
CA PRO B 150 24.13 -13.67 -24.45
C PRO B 150 23.69 -12.22 -24.34
N LEU B 151 22.98 -11.94 -23.25
CA LEU B 151 22.42 -10.61 -22.97
C LEU B 151 23.55 -9.70 -22.48
N THR B 152 24.09 -8.89 -23.39
CA THR B 152 25.15 -7.94 -23.06
C THR B 152 24.73 -6.57 -23.57
N TYR B 153 25.31 -5.52 -22.98
CA TYR B 153 24.99 -4.17 -23.41
C TYR B 153 25.33 -3.96 -24.89
N GLU B 154 26.30 -4.70 -25.41
CA GLU B 154 26.64 -4.61 -26.82
C GLU B 154 25.75 -5.46 -27.71
N ASN B 155 25.07 -6.46 -27.14
CA ASN B 155 24.17 -7.32 -27.89
C ASN B 155 22.71 -6.91 -27.74
N MET B 156 22.45 -5.71 -27.21
CA MET B 156 21.10 -5.25 -26.97
C MET B 156 20.95 -3.81 -27.47
N ASP B 157 19.70 -3.38 -27.58
CA ASP B 157 19.37 -2.03 -27.98
C ASP B 157 17.92 -1.77 -27.59
N VAL B 158 17.62 -0.50 -27.28
CA VAL B 158 16.25 -0.12 -26.95
C VAL B 158 15.44 0.02 -28.23
N LEU B 159 14.11 -0.12 -28.08
CA LEU B 159 13.22 -0.02 -29.22
C LEU B 159 12.81 1.42 -29.50
N PHE B 160 12.63 2.23 -28.47
CA PHE B 160 12.20 3.61 -28.62
C PHE B 160 13.05 4.52 -27.75
N SER B 161 13.44 5.66 -28.32
CA SER B 161 14.12 6.73 -27.60
C SER B 161 13.23 7.96 -27.59
N PHE B 162 13.76 9.07 -27.06
CA PHE B 162 13.05 10.34 -27.06
C PHE B 162 13.73 11.38 -27.94
N ARG B 163 14.99 11.71 -27.66
CA ARG B 163 15.76 12.65 -28.45
C ARG B 163 17.09 12.01 -28.83
N ASP B 164 17.75 12.64 -29.80
CA ASP B 164 19.10 12.19 -30.17
C ASP B 164 20.10 12.63 -29.11
N GLY B 165 20.94 11.70 -28.68
CA GLY B 165 21.94 12.01 -27.68
C GLY B 165 21.42 12.21 -26.28
N ASP B 166 20.20 11.78 -25.99
CA ASP B 166 19.66 11.87 -24.64
C ASP B 166 20.12 10.74 -23.74
N CYS B 167 20.99 9.85 -24.23
CA CYS B 167 21.51 8.71 -23.48
C CYS B 167 20.37 7.82 -22.96
N SER B 168 19.29 7.71 -23.74
CA SER B 168 18.19 6.84 -23.34
C SER B 168 18.56 5.37 -23.46
N LYS B 169 19.45 5.02 -24.39
CA LYS B 169 19.89 3.63 -24.51
C LYS B 169 20.71 3.22 -23.29
N GLY B 170 21.63 4.08 -22.85
CA GLY B 170 22.47 3.73 -21.71
C GLY B 170 21.69 3.65 -20.41
N PHE B 171 20.70 4.53 -20.23
CA PHE B 171 19.96 4.54 -18.97
C PHE B 171 18.98 3.38 -18.91
N PHE B 172 18.31 3.06 -20.01
CA PHE B 172 17.32 2.00 -19.99
C PHE B 172 17.96 0.61 -19.97
N LEU B 173 19.09 0.43 -20.64
CA LEU B 173 19.71 -0.89 -20.72
C LEU B 173 20.48 -1.22 -19.45
N VAL B 174 21.20 -0.26 -18.88
CA VAL B 174 21.92 -0.52 -17.63
C VAL B 174 20.93 -0.81 -16.50
N SER B 175 19.80 -0.11 -16.50
CA SER B 175 18.75 -0.42 -15.54
C SER B 175 18.23 -1.84 -15.75
N LEU B 176 18.07 -2.24 -17.01
CA LEU B 176 17.59 -3.58 -17.31
C LEU B 176 18.63 -4.64 -16.95
N LEU B 177 19.91 -4.35 -17.22
CA LEU B 177 20.97 -5.31 -16.92
C LEU B 177 21.12 -5.55 -15.42
N VAL B 178 20.85 -4.53 -14.60
CA VAL B 178 20.89 -4.72 -13.15
C VAL B 178 19.66 -5.49 -12.69
N GLU B 179 18.50 -5.21 -13.28
CA GLU B 179 17.28 -5.93 -12.92
C GLU B 179 17.40 -7.42 -13.22
N ILE B 180 18.02 -7.76 -14.36
CA ILE B 180 18.17 -9.17 -14.73
C ILE B 180 19.21 -9.85 -13.85
N ALA B 181 20.27 -9.13 -13.49
CA ALA B 181 21.32 -9.72 -12.66
C ALA B 181 20.79 -10.13 -11.29
N ALA B 182 19.93 -9.30 -10.70
CA ALA B 182 19.32 -9.64 -9.41
C ALA B 182 18.24 -10.70 -9.53
N ALA B 183 17.76 -10.97 -10.75
CA ALA B 183 16.71 -11.96 -10.94
C ALA B 183 17.21 -13.38 -10.72
N SER B 184 18.52 -13.61 -10.80
CA SER B 184 19.07 -14.94 -10.54
C SER B 184 18.80 -15.40 -9.11
N ALA B 185 18.59 -14.46 -8.18
CA ALA B 185 18.26 -14.82 -6.81
C ALA B 185 16.77 -15.05 -6.60
N ILE B 186 15.95 -14.83 -7.63
CA ILE B 186 14.50 -14.98 -7.48
C ILE B 186 14.10 -16.45 -7.53
N LYS B 187 14.75 -17.24 -8.39
CA LYS B 187 14.51 -18.67 -8.41
C LYS B 187 14.87 -19.35 -7.10
N VAL B 188 15.57 -18.64 -6.20
CA VAL B 188 15.91 -19.18 -4.89
C VAL B 188 14.84 -18.88 -3.84
N ILE B 189 13.92 -17.95 -4.11
CA ILE B 189 12.87 -17.62 -3.14
C ILE B 189 12.10 -18.85 -2.66
N PRO B 190 11.65 -19.77 -3.53
CA PRO B 190 10.98 -20.96 -3.01
C PRO B 190 11.88 -21.84 -2.15
N THR B 191 13.17 -21.91 -2.46
CA THR B 191 14.08 -22.72 -1.66
C THR B 191 14.18 -22.19 -0.23
N VAL B 192 14.13 -20.86 -0.08
CA VAL B 192 14.23 -20.26 1.25
C VAL B 192 13.00 -20.61 2.09
N PHE B 193 11.81 -20.46 1.50
CA PHE B 193 10.58 -20.68 2.27
C PHE B 193 10.33 -22.16 2.51
N LYS B 194 10.83 -23.03 1.65
CA LYS B 194 10.66 -24.46 1.88
C LYS B 194 11.68 -25.00 2.88
N ALA B 195 12.86 -24.37 2.96
CA ALA B 195 13.82 -24.75 3.98
C ALA B 195 13.34 -24.35 5.37
N MET B 196 12.62 -23.23 5.48
CA MET B 196 12.04 -22.83 6.76
C MET B 196 10.91 -23.76 7.19
N GLN B 197 10.20 -24.34 6.22
CA GLN B 197 9.07 -25.21 6.54
C GLN B 197 9.54 -26.58 7.02
N MET B 198 10.51 -27.17 6.31
CA MET B 198 11.04 -28.47 6.70
C MET B 198 12.14 -28.37 7.76
N GLN B 199 12.40 -27.17 8.28
CA GLN B 199 13.42 -26.94 9.30
C GLN B 199 14.80 -27.38 8.82
N GLU B 200 15.09 -27.14 7.54
CA GLU B 200 16.35 -27.53 6.92
C GLU B 200 17.32 -26.35 7.01
N ARG B 201 18.12 -26.32 8.08
CA ARG B 201 19.02 -25.20 8.30
C ARG B 201 20.11 -25.13 7.24
N ASP B 202 20.64 -26.29 6.83
CA ASP B 202 21.74 -26.29 5.85
C ASP B 202 21.26 -25.81 4.49
N THR B 203 20.03 -26.14 4.11
CA THR B 203 19.50 -25.65 2.84
C THR B 203 19.24 -24.15 2.90
N LEU B 204 18.73 -23.65 4.02
CA LEU B 204 18.45 -22.22 4.15
C LEU B 204 19.73 -21.40 4.07
N LEU B 205 20.81 -21.88 4.68
CA LEU B 205 22.06 -21.14 4.66
C LEU B 205 22.64 -21.06 3.25
N LYS B 206 22.67 -22.19 2.54
CA LYS B 206 23.14 -22.19 1.17
C LYS B 206 22.27 -21.31 0.27
N ALA B 207 20.97 -21.24 0.56
CA ALA B 207 20.09 -20.39 -0.23
C ALA B 207 20.32 -18.92 0.06
N LEU B 208 20.66 -18.56 1.30
CA LEU B 208 20.91 -17.17 1.63
C LEU B 208 22.25 -16.70 1.07
N LEU B 209 23.29 -17.52 1.16
CA LEU B 209 24.57 -17.18 0.55
C LEU B 209 24.45 -17.05 -0.96
N GLU B 210 23.55 -17.82 -1.57
CA GLU B 210 23.32 -17.70 -3.01
C GLU B 210 22.67 -16.38 -3.36
N ILE B 211 21.73 -15.91 -2.53
CA ILE B 211 21.06 -14.64 -2.79
C ILE B 211 22.04 -13.49 -2.64
N ALA B 212 22.87 -13.52 -1.58
CA ALA B 212 23.88 -12.49 -1.41
C ALA B 212 24.89 -12.50 -2.56
N SER B 213 25.11 -13.67 -3.18
CA SER B 213 26.03 -13.75 -4.31
C SER B 213 25.47 -13.01 -5.53
N CYS B 214 24.15 -13.04 -5.72
CA CYS B 214 23.55 -12.37 -6.87
C CYS B 214 23.48 -10.86 -6.68
N LEU B 215 23.15 -10.41 -5.45
CA LEU B 215 23.11 -8.98 -5.19
C LEU B 215 24.49 -8.34 -5.24
N GLU B 216 25.56 -9.13 -5.09
CA GLU B 216 26.91 -8.61 -5.28
C GLU B 216 27.28 -8.53 -6.75
N LYS B 217 26.79 -9.47 -7.57
CA LYS B 217 27.02 -9.38 -9.01
C LYS B 217 26.27 -8.21 -9.62
N ALA B 218 25.10 -7.87 -9.08
CA ALA B 218 24.35 -6.73 -9.59
C ALA B 218 25.10 -5.42 -9.35
N LEU B 219 25.84 -5.32 -8.24
CA LEU B 219 26.62 -4.12 -7.98
C LEU B 219 27.73 -3.97 -9.00
N GLN B 220 28.36 -5.07 -9.40
CA GLN B 220 29.41 -5.00 -10.42
C GLN B 220 28.84 -4.60 -11.78
N VAL B 221 27.60 -5.01 -12.07
CA VAL B 221 26.94 -4.58 -13.29
C VAL B 221 26.63 -3.08 -13.24
N PHE B 222 26.45 -2.54 -12.04
CA PHE B 222 26.08 -1.13 -11.89
C PHE B 222 27.18 -0.20 -12.36
N HIS B 223 28.44 -0.65 -12.34
CA HIS B 223 29.56 0.21 -12.69
C HIS B 223 29.53 0.66 -14.16
N GLN B 224 28.67 0.08 -14.99
CA GLN B 224 28.59 0.45 -16.39
C GLN B 224 27.92 1.80 -16.62
N ILE B 225 27.26 2.36 -15.60
CA ILE B 225 26.48 3.58 -15.78
C ILE B 225 27.35 4.77 -16.16
N HIS B 226 28.65 4.72 -15.86
CA HIS B 226 29.54 5.84 -16.14
C HIS B 226 30.06 5.84 -17.57
N ASP B 227 29.90 4.73 -18.30
CA ASP B 227 30.41 4.63 -19.67
C ASP B 227 29.39 4.99 -20.73
N HIS B 228 28.09 4.85 -20.43
CA HIS B 228 27.05 5.00 -21.44
C HIS B 228 26.06 6.11 -21.14
N VAL B 229 26.17 6.76 -19.98
CA VAL B 229 25.31 7.89 -19.61
C VAL B 229 26.21 9.02 -19.13
N ASN B 230 26.11 10.19 -19.78
CA ASN B 230 26.88 11.28 -19.21
C ASN B 230 25.94 12.24 -18.47
N PRO B 231 26.42 12.86 -17.39
CA PRO B 231 25.52 13.68 -16.56
C PRO B 231 24.88 14.85 -17.28
N LYS B 232 25.59 15.43 -18.26
CA LYS B 232 25.07 16.62 -18.94
C LYS B 232 23.79 16.31 -19.71
N ALA B 233 23.80 15.22 -20.49
CA ALA B 233 22.64 14.89 -21.31
C ALA B 233 21.49 14.33 -20.48
N PHE B 234 21.79 13.49 -19.48
CA PHE B 234 20.74 12.87 -18.69
C PHE B 234 19.92 13.91 -17.93
N PHE B 235 20.60 14.82 -17.23
CA PHE B 235 19.90 15.84 -16.46
C PHE B 235 19.14 16.80 -17.36
N SER B 236 19.76 17.21 -18.47
CA SER B 236 19.20 18.26 -19.31
C SER B 236 18.10 17.76 -20.25
N VAL B 237 18.09 16.46 -20.58
CA VAL B 237 17.17 15.97 -21.58
C VAL B 237 16.31 14.83 -21.02
N LEU B 238 16.94 13.67 -20.80
CA LEU B 238 16.18 12.47 -20.47
C LEU B 238 15.39 12.63 -19.18
N ARG B 239 15.91 13.40 -18.22
CA ARG B 239 15.19 13.62 -16.97
C ARG B 239 13.86 14.34 -17.21
N ILE B 240 13.80 15.21 -18.21
CA ILE B 240 12.58 15.98 -18.45
C ILE B 240 11.46 15.07 -18.96
N TYR B 241 11.77 14.18 -19.91
CA TYR B 241 10.75 13.33 -20.50
C TYR B 241 10.32 12.20 -19.56
N LEU B 242 11.13 11.85 -18.57
CA LEU B 242 10.76 10.81 -17.61
C LEU B 242 9.97 11.34 -16.42
N SER B 243 9.66 12.64 -16.40
CA SER B 243 8.88 13.20 -15.31
C SER B 243 7.40 12.96 -15.52
N GLY B 244 6.67 12.81 -14.41
CA GLY B 244 5.24 12.63 -14.43
C GLY B 244 4.50 13.90 -14.07
N TRP B 245 3.21 13.74 -13.77
CA TRP B 245 2.34 14.85 -13.41
C TRP B 245 1.58 14.53 -12.13
N LYS B 246 2.32 14.18 -11.07
CA LYS B 246 1.78 14.04 -9.72
C LYS B 246 2.65 14.87 -8.80
N GLY B 247 2.09 15.97 -8.28
CA GLY B 247 2.87 16.90 -7.50
C GLY B 247 3.83 17.76 -8.30
N ASN B 248 3.78 17.68 -9.62
CA ASN B 248 4.65 18.47 -10.47
C ASN B 248 4.06 19.87 -10.63
N PRO B 249 4.80 20.93 -10.28
CA PRO B 249 4.24 22.29 -10.39
C PRO B 249 3.67 22.61 -11.77
N GLN B 250 4.33 22.18 -12.83
CA GLN B 250 3.75 22.30 -14.16
C GLN B 250 2.61 21.31 -14.29
N LEU B 251 1.47 21.80 -14.78
CA LEU B 251 0.18 21.10 -14.71
C LEU B 251 -0.01 20.46 -13.34
N SER B 252 -0.06 21.33 -12.33
CA SER B 252 -0.09 20.88 -10.95
C SER B 252 -1.38 20.17 -10.57
N ASP B 253 -2.41 20.29 -11.39
CA ASP B 253 -3.68 19.61 -11.13
C ASP B 253 -3.79 18.28 -11.86
N GLY B 254 -2.79 17.93 -12.67
CA GLY B 254 -2.83 16.70 -13.45
C GLY B 254 -3.10 16.98 -14.92
N LEU B 255 -3.23 15.88 -15.65
CA LEU B 255 -3.48 15.93 -17.09
C LEU B 255 -4.88 15.41 -17.39
N VAL B 256 -5.52 16.01 -18.38
CA VAL B 256 -6.87 15.63 -18.78
C VAL B 256 -6.78 14.58 -19.88
N TYR B 257 -7.46 13.46 -19.67
CA TYR B 257 -7.57 12.41 -20.69
C TYR B 257 -8.91 12.62 -21.39
N GLU B 258 -8.87 13.40 -22.46
CA GLU B 258 -10.09 13.84 -23.14
C GLU B 258 -10.86 12.64 -23.69
N GLY B 259 -12.10 12.48 -23.22
CA GLY B 259 -12.93 11.37 -23.63
C GLY B 259 -13.00 10.24 -22.63
N PHE B 260 -12.26 10.31 -21.53
CA PHE B 260 -12.26 9.26 -20.52
C PHE B 260 -12.57 9.81 -19.13
N TRP B 261 -11.99 10.94 -18.77
CA TRP B 261 -12.29 11.60 -17.49
C TRP B 261 -12.42 13.09 -17.75
N GLU B 262 -13.62 13.63 -17.47
CA GLU B 262 -13.81 15.07 -17.55
C GLU B 262 -12.87 15.83 -16.61
N ASP B 263 -12.39 15.19 -15.58
CA ASP B 263 -11.50 15.70 -14.54
C ASP B 263 -10.08 15.27 -14.82
N PRO B 264 -9.09 16.16 -14.67
CA PRO B 264 -7.70 15.73 -14.82
C PRO B 264 -7.30 14.69 -13.78
N LYS B 265 -6.21 14.00 -14.05
CA LYS B 265 -5.75 12.89 -13.22
C LYS B 265 -4.25 13.02 -12.96
N GLU B 266 -3.86 12.99 -11.69
CA GLU B 266 -2.46 13.01 -11.31
C GLU B 266 -1.88 11.61 -11.33
N PHE B 267 -0.73 11.44 -12.00
CA PHE B 267 -0.04 10.17 -12.06
C PHE B 267 1.46 10.40 -11.92
N ALA B 268 2.12 9.50 -11.20
CA ALA B 268 3.55 9.59 -10.99
C ALA B 268 4.31 9.07 -12.20
N GLY B 269 5.48 9.65 -12.45
CA GLY B 269 6.31 9.25 -13.55
C GLY B 269 7.01 7.93 -13.29
N GLY B 270 7.84 7.54 -14.25
CA GLY B 270 8.57 6.30 -14.15
C GLY B 270 9.63 6.36 -13.06
N SER B 271 9.92 5.19 -12.50
CA SER B 271 10.87 5.07 -11.40
C SER B 271 11.19 3.61 -11.16
N ALA B 272 12.41 3.34 -10.69
CA ALA B 272 12.75 2.00 -10.26
C ALA B 272 12.18 1.68 -8.89
N GLY B 273 11.54 2.64 -8.22
CA GLY B 273 10.67 2.30 -7.11
C GLY B 273 9.53 1.42 -7.53
N GLN B 274 9.22 1.39 -8.82
CA GLN B 274 8.25 0.47 -9.40
C GLN B 274 8.89 -0.86 -9.80
N SER B 275 10.20 -1.03 -9.57
CA SER B 275 10.86 -2.30 -9.88
C SER B 275 10.49 -3.34 -8.82
N SER B 276 9.94 -4.47 -9.26
CA SER B 276 9.52 -5.50 -8.33
C SER B 276 10.68 -6.27 -7.73
N VAL B 277 11.87 -6.21 -8.34
CA VAL B 277 12.96 -7.05 -7.90
C VAL B 277 13.62 -6.51 -6.63
N PHE B 278 13.55 -5.20 -6.39
CA PHE B 278 14.16 -4.62 -5.21
C PHE B 278 13.21 -4.53 -4.03
N GLN B 279 11.91 -4.42 -4.29
CA GLN B 279 10.93 -4.60 -3.23
C GLN B 279 10.76 -6.06 -2.86
N CYS B 280 11.13 -6.98 -3.77
CA CYS B 280 11.12 -8.40 -3.45
C CYS B 280 12.06 -8.71 -2.29
N PHE B 281 13.31 -8.26 -2.40
CA PHE B 281 14.31 -8.58 -1.39
C PHE B 281 14.09 -7.80 -0.11
N ASP B 282 13.47 -6.62 -0.19
CA ASP B 282 13.04 -5.93 1.02
C ASP B 282 12.02 -6.76 1.78
N VAL B 283 11.06 -7.35 1.07
CA VAL B 283 10.04 -8.16 1.71
C VAL B 283 10.62 -9.50 2.15
N LEU B 284 11.48 -10.11 1.33
CA LEU B 284 12.04 -11.40 1.66
C LEU B 284 12.86 -11.34 2.96
N LEU B 285 13.61 -10.25 3.15
CA LEU B 285 14.48 -10.12 4.30
C LEU B 285 13.82 -9.41 5.47
N GLY B 286 12.52 -9.13 5.39
CA GLY B 286 11.82 -8.48 6.49
C GLY B 286 12.30 -7.08 6.78
N ILE B 287 12.76 -6.35 5.75
CA ILE B 287 13.29 -5.01 5.97
C ILE B 287 12.17 -4.03 6.30
N GLN B 288 10.99 -4.22 5.70
CA GLN B 288 9.80 -3.41 5.96
C GLN B 288 10.04 -1.94 5.57
N GLN B 289 10.32 -1.74 4.29
CA GLN B 289 10.36 -0.37 3.75
C GLN B 289 8.96 0.21 3.68
N THR B 290 7.98 -0.60 3.27
CA THR B 290 6.61 -0.13 3.16
C THR B 290 5.98 0.11 4.52
N ALA B 291 6.35 -0.68 5.53
CA ALA B 291 5.83 -0.49 6.87
C ALA B 291 6.49 0.71 7.54
N GLY B 292 5.76 1.34 8.45
CA GLY B 292 6.26 2.52 9.13
C GLY B 292 5.27 3.66 9.15
N GLY B 293 5.11 4.35 8.02
CA GLY B 293 4.16 5.43 7.92
C GLY B 293 4.76 6.71 7.39
N GLY B 294 6.06 6.70 7.11
CA GLY B 294 6.74 7.87 6.59
C GLY B 294 6.47 8.11 5.12
N HIS B 295 7.11 9.16 4.60
CA HIS B 295 6.94 9.50 3.19
C HIS B 295 7.60 8.46 2.29
N ALA B 296 8.76 7.96 2.68
CA ALA B 296 9.42 6.91 1.89
C ALA B 296 8.60 5.63 1.89
N ALA B 297 8.04 5.27 3.04
CA ALA B 297 7.14 4.11 3.09
C ALA B 297 5.90 4.34 2.25
N GLN B 298 5.43 5.59 2.17
CA GLN B 298 4.26 5.89 1.38
C GLN B 298 4.55 5.82 -0.12
N PHE B 299 5.71 6.31 -0.54
CA PHE B 299 6.06 6.29 -1.96
C PHE B 299 6.22 4.86 -2.47
N LEU B 300 6.95 4.03 -1.73
CA LEU B 300 7.25 2.68 -2.20
C LEU B 300 5.99 1.81 -2.28
N GLN B 301 4.98 2.09 -1.45
CA GLN B 301 3.75 1.30 -1.52
C GLN B 301 2.88 1.75 -2.68
N ASP B 302 2.75 3.05 -2.90
CA ASP B 302 1.95 3.55 -4.01
C ASP B 302 2.54 3.16 -5.36
N MET B 303 3.85 2.92 -5.43
CA MET B 303 4.48 2.50 -6.67
C MET B 303 4.14 1.06 -7.05
N ARG B 304 3.61 0.27 -6.11
CA ARG B 304 3.19 -1.08 -6.46
C ARG B 304 2.02 -1.08 -7.42
N ARG B 305 1.15 -0.06 -7.33
CA ARG B 305 0.07 0.11 -8.30
C ARG B 305 0.59 0.37 -9.70
N TYR B 306 1.88 0.65 -9.86
CA TYR B 306 2.50 0.92 -11.15
C TYR B 306 3.25 -0.29 -11.69
N MET B 307 3.10 -1.47 -11.06
CA MET B 307 3.66 -2.74 -11.47
C MET B 307 2.60 -3.56 -12.21
N PRO B 308 3.02 -4.44 -13.12
CA PRO B 308 2.07 -5.36 -13.72
C PRO B 308 1.39 -6.20 -12.64
N PRO B 309 0.12 -6.55 -12.84
CA PRO B 309 -0.64 -7.18 -11.75
C PRO B 309 -0.04 -8.50 -11.27
N ALA B 310 0.59 -9.26 -12.17
CA ALA B 310 1.20 -10.53 -11.76
C ALA B 310 2.35 -10.29 -10.80
N HIS B 311 3.20 -9.30 -11.08
CA HIS B 311 4.28 -8.95 -10.16
C HIS B 311 3.71 -8.39 -8.87
N ARG B 312 2.67 -7.55 -8.98
CA ARG B 312 1.98 -7.04 -7.80
C ARG B 312 1.50 -8.17 -6.90
N ASN B 313 0.98 -9.25 -7.51
CA ASN B 313 0.54 -10.40 -6.74
C ASN B 313 1.71 -11.17 -6.15
N PHE B 314 2.87 -11.12 -6.80
CA PHE B 314 4.02 -11.89 -6.31
C PHE B 314 4.59 -11.30 -5.04
N LEU B 315 4.76 -9.97 -5.00
CA LEU B 315 5.15 -9.31 -3.74
C LEU B 315 4.14 -9.62 -2.65
N CYS B 316 2.86 -9.63 -3.00
CA CYS B 316 1.80 -9.92 -2.05
C CYS B 316 1.94 -11.32 -1.47
N SER B 317 2.32 -12.29 -2.30
CA SER B 317 2.49 -13.66 -1.83
C SER B 317 3.69 -13.78 -0.88
N LEU B 318 4.74 -13.00 -1.12
CA LEU B 318 5.91 -13.03 -0.25
C LEU B 318 5.55 -12.54 1.15
N GLU B 319 4.73 -11.49 1.25
CA GLU B 319 4.37 -10.94 2.54
C GLU B 319 3.57 -11.93 3.38
N SER B 320 2.74 -12.75 2.73
CA SER B 320 1.88 -13.70 3.43
C SER B 320 2.63 -14.94 3.92
N ASN B 321 3.96 -14.95 3.80
CA ASN B 321 4.80 -16.02 4.33
C ASN B 321 5.42 -15.58 5.64
N PRO B 322 5.84 -16.53 6.49
CA PRO B 322 6.64 -16.15 7.66
C PRO B 322 7.96 -15.53 7.24
N SER B 323 8.34 -14.46 7.93
CA SER B 323 9.50 -13.69 7.51
C SER B 323 10.79 -14.43 7.83
N VAL B 324 11.76 -14.31 6.92
CA VAL B 324 13.06 -14.94 7.13
C VAL B 324 13.77 -14.33 8.33
N ARG B 325 13.61 -13.02 8.52
CA ARG B 325 14.27 -12.34 9.63
C ARG B 325 13.80 -12.88 10.97
N GLU B 326 12.51 -13.17 11.09
CA GLU B 326 11.99 -13.76 12.32
C GLU B 326 12.57 -15.16 12.54
N PHE B 327 12.72 -15.93 11.46
CA PHE B 327 13.27 -17.28 11.56
C PHE B 327 14.73 -17.25 12.00
N VAL B 328 15.53 -16.36 11.40
CA VAL B 328 16.96 -16.32 11.71
C VAL B 328 17.19 -15.74 13.11
N LEU B 329 16.34 -14.82 13.54
CA LEU B 329 16.53 -14.21 14.86
C LEU B 329 16.28 -15.19 16.00
N SER B 330 15.44 -16.20 15.77
CA SER B 330 15.00 -17.07 16.85
C SER B 330 15.86 -18.32 17.02
N LYS B 331 16.77 -18.60 16.08
CA LYS B 331 17.48 -19.88 16.11
C LYS B 331 18.82 -19.82 16.85
N GLY B 332 19.37 -18.63 17.07
CA GLY B 332 20.66 -18.52 17.72
C GLY B 332 21.77 -19.19 16.94
N ASP B 333 21.80 -18.93 15.63
CA ASP B 333 22.76 -19.55 14.72
C ASP B 333 23.65 -18.45 14.15
N ALA B 334 24.93 -18.48 14.53
CA ALA B 334 25.87 -17.48 14.03
C ALA B 334 26.06 -17.60 12.53
N GLY B 335 26.00 -18.82 11.98
CA GLY B 335 26.12 -18.99 10.54
C GLY B 335 24.93 -18.44 9.79
N LEU B 336 23.71 -18.72 10.30
CA LEU B 336 22.52 -18.19 9.64
C LEU B 336 22.45 -16.67 9.77
N ARG B 337 22.88 -16.13 10.91
CA ARG B 337 22.87 -14.67 11.08
C ARG B 337 23.83 -14.00 10.10
N GLU B 338 24.99 -14.62 9.86
CA GLU B 338 25.97 -14.02 8.94
C GLU B 338 25.58 -14.21 7.48
N ALA B 339 24.87 -15.29 7.16
CA ALA B 339 24.34 -15.44 5.81
C ALA B 339 23.23 -14.43 5.56
N TYR B 340 22.37 -14.20 6.55
CA TYR B 340 21.35 -13.17 6.42
C TYR B 340 21.97 -11.78 6.36
N ASP B 341 23.00 -11.54 7.18
CA ASP B 341 23.67 -10.24 7.17
C ASP B 341 24.42 -9.99 5.88
N ALA B 342 24.82 -11.04 5.17
CA ALA B 342 25.46 -10.86 3.86
C ALA B 342 24.45 -10.32 2.84
N CYS B 343 23.21 -10.82 2.89
CA CYS B 343 22.18 -10.32 1.98
C CYS B 343 21.85 -8.86 2.27
N VAL B 344 21.72 -8.51 3.55
CA VAL B 344 21.38 -7.14 3.92
C VAL B 344 22.51 -6.19 3.55
N LYS B 345 23.75 -6.56 3.85
CA LYS B 345 24.89 -5.71 3.50
C LYS B 345 25.03 -5.56 1.99
N ALA B 346 24.63 -6.56 1.22
CA ALA B 346 24.66 -6.44 -0.24
C ALA B 346 23.64 -5.43 -0.72
N LEU B 347 22.46 -5.40 -0.09
CA LEU B 347 21.48 -4.38 -0.43
C LEU B 347 21.95 -2.99 -0.01
N VAL B 348 22.68 -2.90 1.11
CA VAL B 348 23.22 -1.62 1.54
C VAL B 348 24.28 -1.14 0.56
N SER B 349 25.10 -2.05 0.03
CA SER B 349 26.12 -1.67 -0.93
C SER B 349 25.51 -1.13 -2.21
N LEU B 350 24.40 -1.72 -2.67
CA LEU B 350 23.75 -1.23 -3.88
C LEU B 350 23.20 0.17 -3.68
N ARG B 351 22.49 0.40 -2.57
CA ARG B 351 21.85 1.70 -2.35
C ARG B 351 22.89 2.78 -2.03
N SER B 352 24.00 2.41 -1.37
CA SER B 352 25.06 3.37 -1.12
C SER B 352 25.74 3.79 -2.42
N TYR B 353 26.12 2.81 -3.25
CA TYR B 353 26.69 3.13 -4.56
C TYR B 353 25.71 3.91 -5.40
N HIS B 354 24.41 3.59 -5.30
CA HIS B 354 23.39 4.28 -6.06
C HIS B 354 23.30 5.76 -5.65
N LEU B 355 23.56 6.07 -4.38
CA LEU B 355 23.58 7.46 -3.95
C LEU B 355 24.72 8.23 -4.59
N GLN B 356 25.84 7.56 -4.86
CA GLN B 356 26.94 8.22 -5.58
C GLN B 356 26.56 8.52 -7.02
N ILE B 357 25.70 7.69 -7.61
CA ILE B 357 25.27 7.90 -8.99
C ILE B 357 24.44 9.18 -9.09
N VAL B 358 23.48 9.36 -8.18
CA VAL B 358 22.62 10.53 -8.23
C VAL B 358 23.37 11.80 -7.85
N THR B 359 24.49 11.67 -7.13
CA THR B 359 25.33 12.83 -6.86
C THR B 359 26.03 13.29 -8.13
N LYS B 360 26.48 12.36 -8.97
CA LYS B 360 27.14 12.71 -10.21
C LYS B 360 26.15 13.15 -11.28
N TYR B 361 24.97 12.56 -11.30
CA TYR B 361 24.04 12.73 -12.42
C TYR B 361 22.89 13.68 -12.13
N ILE B 362 22.66 14.07 -10.87
CA ILE B 362 21.56 14.96 -10.55
C ILE B 362 22.05 16.11 -9.66
N LEU B 363 22.78 15.78 -8.61
CA LEU B 363 23.13 16.78 -7.61
C LEU B 363 24.05 17.86 -8.18
N ILE B 364 25.09 17.45 -8.90
CA ILE B 364 26.11 18.38 -9.38
C ILE B 364 25.67 19.10 -10.65
N PRO B 365 25.11 18.43 -11.66
CA PRO B 365 24.59 19.18 -12.81
C PRO B 365 23.54 20.22 -12.45
N ALA B 366 22.73 19.96 -11.42
CA ALA B 366 21.73 20.93 -10.99
C ALA B 366 22.35 22.15 -10.33
N SER B 367 23.65 22.10 -9.99
CA SER B 367 24.31 23.23 -9.36
C SER B 367 25.03 24.13 -10.36
N GLN B 368 25.50 23.56 -11.48
CA GLN B 368 26.31 24.33 -12.43
C GLN B 368 25.45 25.20 -13.34
N GLN B 369 24.24 24.78 -13.65
CA GLN B 369 23.43 25.50 -14.63
C GLN B 369 23.03 26.87 -14.08
N PRO B 370 23.10 27.92 -14.92
CA PRO B 370 22.73 29.29 -14.54
C PRO B 370 21.24 29.42 -14.24
N GLY B 388 15.33 17.92 -7.30
CA GLY B 388 15.25 17.75 -5.87
C GLY B 388 16.59 17.85 -5.16
N GLY B 389 17.16 16.71 -4.80
CA GLY B 389 18.36 16.73 -3.99
C GLY B 389 18.10 17.15 -2.56
N THR B 390 16.87 16.97 -2.08
CA THR B 390 16.45 17.36 -0.74
C THR B 390 15.20 16.56 -0.39
N ASP B 391 14.29 16.45 -1.36
CA ASP B 391 13.18 15.51 -1.31
C ASP B 391 13.51 14.18 -1.97
N LEU B 392 14.44 14.15 -2.93
CA LEU B 392 14.96 12.93 -3.51
C LEU B 392 16.09 12.32 -2.68
N MET B 393 17.05 13.14 -2.24
CA MET B 393 18.17 12.62 -1.45
C MET B 393 17.70 12.12 -0.09
N ASN B 394 16.83 12.87 0.59
CA ASN B 394 16.32 12.44 1.88
C ASN B 394 15.58 11.11 1.76
N PHE B 395 14.82 10.93 0.68
CA PHE B 395 14.10 9.67 0.49
C PHE B 395 15.06 8.49 0.32
N LEU B 396 16.11 8.68 -0.50
CA LEU B 396 17.03 7.58 -0.75
C LEU B 396 17.87 7.25 0.48
N LYS B 397 18.29 8.27 1.23
CA LYS B 397 19.05 8.00 2.46
C LYS B 397 18.16 7.39 3.53
N THR B 398 16.86 7.68 3.51
CA THR B 398 15.94 7.03 4.43
C THR B 398 15.80 5.55 4.10
N VAL B 399 15.65 5.22 2.82
CA VAL B 399 15.52 3.82 2.41
C VAL B 399 16.80 3.05 2.72
N ARG B 400 17.96 3.68 2.50
CA ARG B 400 19.22 2.99 2.82
C ARG B 400 19.39 2.82 4.32
N SER B 401 19.06 3.85 5.11
CA SER B 401 19.22 3.74 6.55
C SER B 401 18.30 2.68 7.13
N THR B 402 17.12 2.48 6.53
CA THR B 402 16.25 1.39 6.95
C THR B 402 16.88 0.04 6.63
N THR B 403 17.50 -0.09 5.46
CA THR B 403 18.18 -1.33 5.12
C THR B 403 19.35 -1.60 6.07
N GLU B 404 20.07 -0.54 6.45
CA GLU B 404 21.20 -0.71 7.36
C GLU B 404 20.73 -1.17 8.74
N LYS B 405 19.66 -0.56 9.26
CA LYS B 405 19.15 -0.90 10.58
C LYS B 405 18.52 -2.29 10.63
N SER B 406 18.51 -3.02 9.52
CA SER B 406 18.04 -4.40 9.50
C SER B 406 19.15 -5.41 9.74
N LEU B 407 20.39 -4.96 9.92
CA LEU B 407 21.48 -5.87 10.27
C LEU B 407 21.25 -6.46 11.65
N LEU B 408 21.56 -7.75 11.80
CA LEU B 408 21.30 -8.43 13.07
C LEU B 408 22.37 -8.13 14.11
N LYS B 409 23.62 -7.98 13.68
CA LYS B 409 24.71 -7.71 14.61
C LYS B 409 25.34 -6.35 14.33
C01 YRM C . -13.48 6.76 14.57
C03 YRM C . -13.21 9.13 15.44
C04 YRM C . -13.63 10.55 15.17
C05 YRM C . -13.09 11.02 13.95
C06 YRM C . -13.58 10.18 12.91
C07 YRM C . -13.11 8.75 13.03
C08 YRM C . -15.12 10.67 15.13
C09 YRM C . -13.08 11.40 16.25
C11 YRM C . -14.68 4.76 14.06
C12 YRM C . -13.94 3.99 14.95
C13 YRM C . -12.98 4.66 15.64
C14 YRM C . -12.75 6.02 15.46
C15 YRM C . -15.33 6.51 12.96
C17 YRM C . -15.70 4.38 13.24
C19 YRM C . -11.33 12.26 13.43
C21 YRM C . -13.46 12.27 13.45
C24 YRM C . -12.19 4.02 16.52
F25 YRM C . -11.03 3.56 16.15
F26 YRM C . -11.81 4.63 17.57
F27 YRM C . -12.60 2.95 17.08
N02 YRM C . -13.29 8.16 14.34
N10 YRM C . -14.46 6.07 13.88
N16 YRM C . -16.07 5.47 12.55
N18 YRM C . -11.70 11.06 13.92
N20 YRM C . -12.40 13.05 13.12
O22 YRM C . -14.61 12.61 13.32
O23 YRM C . -10.19 12.63 13.27
CHA HEM D . -15.58 6.61 8.67
CHB HEM D . -18.08 2.49 10.01
CHC HEM D . -19.65 4.83 14.12
CHD HEM D . -18.32 9.19 12.03
C1A HEM D . -16.09 5.28 8.70
C2A HEM D . -15.74 4.20 7.74
C3A HEM D . -16.42 3.07 8.12
C4A HEM D . -17.23 3.39 9.33
CMA HEM D . -16.36 1.64 7.38
CAA HEM D . -14.74 4.33 6.51
CBA HEM D . -15.56 5.03 5.35
CGA HEM D . -16.57 4.03 4.72
O1A HEM D . -17.83 4.19 5.03
O2A HEM D . -16.12 2.87 4.40
C1B HEM D . -18.67 2.75 11.27
C2B HEM D . -19.37 1.76 12.12
C3B HEM D . -19.80 2.40 13.23
C4B HEM D . -19.39 3.82 13.16
CMB HEM D . -19.60 0.19 11.80
CAB HEM D . -20.59 1.71 14.42
CBB HEM D . -20.67 2.39 15.63
C1C HEM D . -19.51 6.23 13.88
C2C HEM D . -20.03 7.34 14.74
C3C HEM D . -19.65 8.52 14.15
C4C HEM D . -18.89 8.23 12.92
CMC HEM D . -20.87 7.21 16.11
CAC HEM D . -19.98 9.97 14.70
CBC HEM D . -20.89 10.04 15.76
C1D HEM D . -17.40 8.90 10.97
C2D HEM D . -16.65 9.93 10.17
C3D HEM D . -15.80 9.10 9.13
C4D HEM D . -16.13 7.68 9.40
CMD HEM D . -16.69 11.52 10.33
CAD HEM D . -14.79 9.63 8.01
CBD HEM D . -13.63 10.45 8.73
CGD HEM D . -12.49 9.46 9.09
O1D HEM D . -11.56 9.84 9.90
O2D HEM D . -12.81 8.21 8.99
NA HEM D . -17.02 4.76 9.66
NB HEM D . -18.71 4.00 11.92
NC HEM D . -18.84 6.81 12.79
ND HEM D . -17.07 7.61 10.46
FE HEM D . -17.87 5.81 11.25
C01 YRM E . 13.78 6.98 -13.03
C03 YRM E . 13.25 9.44 -13.38
C04 YRM E . 13.74 10.80 -12.93
C05 YRM E . 13.19 11.15 -11.62
C06 YRM E . 13.41 10.04 -10.67
C07 YRM E . 14.16 8.82 -11.23
C08 YRM E . 15.25 10.86 -12.91
C09 YRM E . 13.21 11.79 -13.91
C11 YRM E . 14.74 4.79 -12.75
C12 YRM E . 14.02 4.27 -13.80
C13 YRM E . 13.20 5.12 -14.43
C14 YRM E . 13.07 6.47 -14.07
C15 YRM E . 15.44 6.28 -11.35
C17 YRM E . 15.64 4.19 -11.92
C19 YRM E . 11.66 12.65 -10.99
C21 YRM E . 13.77 12.26 -10.90
C24 YRM E . 12.46 4.65 -15.49
F25 YRM E . 11.29 4.07 -15.30
F26 YRM E . 12.08 5.45 -16.41
F27 YRM E . 13.01 3.74 -16.22
N02 YRM E . 13.72 8.35 -12.57
N10 YRM E . 14.61 6.07 -12.40
N16 YRM E . 16.02 5.14 -11.04
N18 YRM E . 11.81 11.47 -11.63
N20 YRM E . 12.86 13.17 -10.53
O22 YRM E . 14.96 12.38 -10.70
O23 YRM E . 10.60 13.21 -10.83
CHA HEM F . 15.02 5.68 -6.99
CHB HEM F . 18.18 8.65 -9.51
CHC HEM F . 19.84 4.67 -12.04
CHD HEM F . 17.51 1.65 -8.78
C1A HEM F . 15.71 6.82 -7.50
C2A HEM F . 15.43 8.24 -7.12
C3A HEM F . 16.29 9.05 -7.80
C4A HEM F . 17.15 8.18 -8.65
CMA HEM F . 16.34 10.65 -7.70
CAA HEM F . 14.31 8.73 -6.09
CBA HEM F . 13.08 7.77 -6.38
CGA HEM F . 12.13 8.45 -7.42
O1A HEM F . 11.40 7.68 -8.17
O2A HEM F . 11.78 9.66 -7.17
C1B HEM F . 18.87 7.83 -10.44
C2B HEM F . 19.83 8.31 -11.45
C3B HEM F . 20.29 7.21 -12.15
C4B HEM F . 19.64 5.99 -11.58
CMB HEM F . 20.25 9.84 -11.70
CAB HEM F . 21.35 7.23 -13.36
CBB HEM F . 21.53 8.42 -14.03
C1C HEM F . 19.38 3.51 -11.36
C2C HEM F . 19.77 2.11 -11.68
C3C HEM F . 19.14 1.29 -10.78
C4C HEM F . 18.31 2.13 -9.86
CMC HEM F . 20.76 1.65 -12.85
CAC HEM F . 19.22 -0.31 -10.72
CBC HEM F . 18.25 -1.02 -11.44
C1D HEM F . 16.61 2.44 -8.01
C2D HEM F . 15.67 1.89 -7.01
C3D HEM F . 14.90 3.14 -6.43
C4D HEM F . 15.44 4.32 -7.17
CMD HEM F . 15.51 0.34 -6.60
CAD HEM F . 13.75 3.13 -5.31
CBD HEM F . 14.45 3.30 -3.88
CGD HEM F . 15.32 2.05 -3.50
O1D HEM F . 14.73 0.97 -3.08
O2D HEM F . 16.54 2.29 -3.17
NA HEM F . 16.77 6.83 -8.45
NB HEM F . 18.79 6.41 -10.53
NC HEM F . 18.51 3.49 -10.24
ND HEM F . 16.45 3.87 -8.06
FE HEM F . 17.59 5.13 -9.34
#